data_2E4I
# 
_entry.id   2E4I 
# 
_audit_conform.dict_name       mmcif_pdbx.dic 
_audit_conform.dict_version    5.392 
_audit_conform.dict_location   http://mmcif.pdb.org/dictionaries/ascii/mmcif_pdbx.dic 
# 
loop_
_database_2.database_id 
_database_2.database_code 
_database_2.pdbx_database_accession 
_database_2.pdbx_DOI 
PDB   2E4I         pdb_00002e4i 10.2210/pdb2e4i/pdb 
RCSB  RCSB026214   ?            ?                   
WWPDB D_1000026214 ?            ?                   
# 
loop_
_pdbx_audit_revision_history.ordinal 
_pdbx_audit_revision_history.data_content_type 
_pdbx_audit_revision_history.major_revision 
_pdbx_audit_revision_history.minor_revision 
_pdbx_audit_revision_history.revision_date 
1 'Structure model' 1 0 2007-12-11 
2 'Structure model' 1 1 2011-07-13 
3 'Structure model' 1 2 2022-03-09 
4 'Structure model' 1 3 2024-05-29 
# 
_pdbx_audit_revision_details.ordinal             1 
_pdbx_audit_revision_details.revision_ordinal    1 
_pdbx_audit_revision_details.data_content_type   'Structure model' 
_pdbx_audit_revision_details.provider            repository 
_pdbx_audit_revision_details.type                'Initial release' 
_pdbx_audit_revision_details.description         ? 
_pdbx_audit_revision_details.details             ? 
# 
loop_
_pdbx_audit_revision_group.ordinal 
_pdbx_audit_revision_group.revision_ordinal 
_pdbx_audit_revision_group.data_content_type 
_pdbx_audit_revision_group.group 
1 2 'Structure model' 'Version format compliance' 
2 3 'Structure model' 'Data collection'           
3 3 'Structure model' 'Database references'       
4 3 'Structure model' 'Derived calculations'      
5 4 'Structure model' 'Data collection'           
# 
loop_
_pdbx_audit_revision_category.ordinal 
_pdbx_audit_revision_category.revision_ordinal 
_pdbx_audit_revision_category.data_content_type 
_pdbx_audit_revision_category.category 
1 3 'Structure model' database_2            
2 3 'Structure model' pdbx_nmr_software     
3 3 'Structure model' pdbx_nmr_spectrometer 
4 3 'Structure model' pdbx_struct_assembly  
5 3 'Structure model' pdbx_struct_oper_list 
6 3 'Structure model' struct_conn           
7 4 'Structure model' chem_comp_atom        
8 4 'Structure model' chem_comp_bond        
# 
loop_
_pdbx_audit_revision_item.ordinal 
_pdbx_audit_revision_item.revision_ordinal 
_pdbx_audit_revision_item.data_content_type 
_pdbx_audit_revision_item.item 
1 3 'Structure model' '_database_2.pdbx_DOI'                
2 3 'Structure model' '_database_2.pdbx_database_accession' 
3 3 'Structure model' '_pdbx_nmr_software.name'             
4 3 'Structure model' '_pdbx_nmr_spectrometer.model'        
5 3 'Structure model' '_struct_conn.pdbx_leaving_atom_flag' 
# 
_pdbx_database_status.status_code                     REL 
_pdbx_database_status.entry_id                        2E4I 
_pdbx_database_status.recvd_initial_deposition_date   2006-12-11 
_pdbx_database_status.deposit_site                    PDBJ 
_pdbx_database_status.process_site                    PDBJ 
_pdbx_database_status.status_code_sf                  ? 
_pdbx_database_status.status_code_mr                  ? 
_pdbx_database_status.SG_entry                        ? 
_pdbx_database_status.pdb_format_compatible           Y 
_pdbx_database_status.status_code_cs                  ? 
_pdbx_database_status.status_code_nmr_data            ? 
_pdbx_database_status.methods_development_category    ? 
# 
loop_
_audit_author.name 
_audit_author.pdbx_ordinal 
'Matsugami, A.' 1 
'Xu, Y.'        2 
'Noguchi, Y.'   3 
'Sugiyama, H.'  4 
'Katahira, M.'  5 
# 
_citation.id                        primary 
_citation.title                     
'Structure of a human telomeric DNA sequence stabilized by 8-bromoguanosine substitutions, as determined by NMR in a K+ solution' 
_citation.journal_abbrev            'Febs J.' 
_citation.journal_volume            274 
_citation.page_first                3545 
_citation.page_last                 3556 
_citation.year                      2007 
_citation.journal_id_ASTM           ? 
_citation.country                   UK 
_citation.journal_id_ISSN           1742-464X 
_citation.journal_id_CSD            ? 
_citation.book_publisher            ? 
_citation.pdbx_database_id_PubMed   17561958 
_citation.pdbx_database_id_DOI      10.1111/j.1742-4658.2007.05881.x 
# 
loop_
_citation_author.citation_id 
_citation_author.name 
_citation_author.ordinal 
_citation_author.identifier_ORCID 
primary 'Matsugami, A.' 1 ? 
primary 'Xu, Y.'        2 ? 
primary 'Noguchi, Y.'   3 ? 
primary 'Sugiyama, H.'  4 ? 
primary 'Katahira, M.'  5 ? 
# 
_entity.id                         1 
_entity.type                       polymer 
_entity.src_method                 syn 
_entity.pdbx_description           
;DNA (5'-D(*DAP*(BGM)P*DGP*DGP*DTP*DTP*DAP*(BGM)P*DGP*DGP*DTP*DTP*DAP*(BGM)P*(BGM)P*DGP*DTP*DTP*DAP*(BGM)P*DGP*DG)-3')
;
_entity.formula_weight             7377.977 
_entity.pdbx_number_of_molecules   1 
_entity.pdbx_ec                    ? 
_entity.pdbx_mutation              ? 
_entity.pdbx_fragment              ? 
_entity.details                    'Human Telomeric DNA' 
# 
_entity_poly.entity_id                      1 
_entity_poly.type                           polydeoxyribonucleotide 
_entity_poly.nstd_linkage                   no 
_entity_poly.nstd_monomer                   yes 
_entity_poly.pdbx_seq_one_letter_code       
;(DA)(BGM)(DG)(DG)(DT)(DT)(DA)(BGM)(DG)(DG)(DT)(DT)(DA)(BGM)(BGM)(DG)(DT)(DT)(DA)
(BGM)(DG)(DG)
;
_entity_poly.pdbx_seq_one_letter_code_can   AGGGTTAGGGTTAGGGTTAGGG 
_entity_poly.pdbx_strand_id                 A 
_entity_poly.pdbx_target_identifier         ? 
# 
loop_
_entity_poly_seq.entity_id 
_entity_poly_seq.num 
_entity_poly_seq.mon_id 
_entity_poly_seq.hetero 
1 1  DA  n 
1 2  BGM n 
1 3  DG  n 
1 4  DG  n 
1 5  DT  n 
1 6  DT  n 
1 7  DA  n 
1 8  BGM n 
1 9  DG  n 
1 10 DG  n 
1 11 DT  n 
1 12 DT  n 
1 13 DA  n 
1 14 BGM n 
1 15 BGM n 
1 16 DG  n 
1 17 DT  n 
1 18 DT  n 
1 19 DA  n 
1 20 BGM n 
1 21 DG  n 
1 22 DG  n 
# 
loop_
_chem_comp.id 
_chem_comp.type 
_chem_comp.mon_nstd_flag 
_chem_comp.name 
_chem_comp.pdbx_synonyms 
_chem_comp.formula 
_chem_comp.formula_weight 
BGM 'DNA linking' n "8-BROMO-2'-DEOXYGUANOSINE-5'-MONOPHOSPHATE" ? 'C10 H13 Br N5 O7 P' 426.117 
DA  'DNA linking' y "2'-DEOXYADENOSINE-5'-MONOPHOSPHATE"         ? 'C10 H14 N5 O6 P'    331.222 
DG  'DNA linking' y "2'-DEOXYGUANOSINE-5'-MONOPHOSPHATE"         ? 'C10 H14 N5 O7 P'    347.221 
DT  'DNA linking' y "THYMIDINE-5'-MONOPHOSPHATE"                 ? 'C10 H15 N2 O8 P'    322.208 
# 
loop_
_pdbx_poly_seq_scheme.asym_id 
_pdbx_poly_seq_scheme.entity_id 
_pdbx_poly_seq_scheme.seq_id 
_pdbx_poly_seq_scheme.mon_id 
_pdbx_poly_seq_scheme.ndb_seq_num 
_pdbx_poly_seq_scheme.pdb_seq_num 
_pdbx_poly_seq_scheme.auth_seq_num 
_pdbx_poly_seq_scheme.pdb_mon_id 
_pdbx_poly_seq_scheme.auth_mon_id 
_pdbx_poly_seq_scheme.pdb_strand_id 
_pdbx_poly_seq_scheme.pdb_ins_code 
_pdbx_poly_seq_scheme.hetero 
A 1 1  DA  1  1  1  DA  A   A . n 
A 1 2  BGM 2  2  2  BGM 8BG A . n 
A 1 3  DG  3  3  3  DG  G   A . n 
A 1 4  DG  4  4  4  DG  G   A . n 
A 1 5  DT  5  5  5  DT  T   A . n 
A 1 6  DT  6  6  6  DT  T   A . n 
A 1 7  DA  7  7  7  DA  A   A . n 
A 1 8  BGM 8  8  8  BGM 8BG A . n 
A 1 9  DG  9  9  9  DG  G   A . n 
A 1 10 DG  10 10 10 DG  G   A . n 
A 1 11 DT  11 11 11 DT  T   A . n 
A 1 12 DT  12 12 12 DT  T   A . n 
A 1 13 DA  13 13 13 DA  A   A . n 
A 1 14 BGM 14 14 14 BGM 8BG A . n 
A 1 15 BGM 15 15 15 BGM 8BG A . n 
A 1 16 DG  16 16 16 DG  G   A . n 
A 1 17 DT  17 17 17 DT  T   A . n 
A 1 18 DT  18 18 18 DT  T   A . n 
A 1 19 DA  19 19 19 DA  A   A . n 
A 1 20 BGM 20 20 20 BGM 8BG A . n 
A 1 21 DG  21 21 21 DG  G   A . n 
A 1 22 DG  22 22 22 DG  G   A . n 
# 
_exptl.entry_id          2E4I 
_exptl.method            'SOLUTION NMR' 
_exptl.crystals_number   ? 
# 
_struct.entry_id                  2E4I 
_struct.title                     
;Human Telomeric DNA mixed-parallel/antiparallel quadruplex under Physiological Ionic Conditions Stabilized by Proper Incorporation of 8-Bromoguanosines
;
_struct.pdbx_model_details        ? 
_struct.pdbx_CASP_flag            ? 
_struct.pdbx_model_type_details   ? 
# 
_struct_keywords.entry_id        2E4I 
_struct_keywords.pdbx_keywords   DNA 
_struct_keywords.text            'telomere, quadruplex, mixed-parallel/antiparallel, DNA' 
# 
_struct_asym.id                            A 
_struct_asym.pdbx_blank_PDB_chainid_flag   N 
_struct_asym.pdbx_modified                 N 
_struct_asym.entity_id                     1 
_struct_asym.details                       ? 
# 
_struct_ref.id                         1 
_struct_ref.db_name                    PDB 
_struct_ref.db_code                    2E4I 
_struct_ref.entity_id                  1 
_struct_ref.pdbx_seq_one_letter_code   'A(BGM)GGTTA(BGM)GGTTA(BGM)(BGM)GTTA(BGM)GG' 
_struct_ref.pdbx_align_begin           1 
_struct_ref.pdbx_db_accession          2E4I 
_struct_ref.pdbx_db_isoform            ? 
# 
_struct_ref_seq.align_id                      1 
_struct_ref_seq.ref_id                        1 
_struct_ref_seq.pdbx_PDB_id_code              2E4I 
_struct_ref_seq.pdbx_strand_id                A 
_struct_ref_seq.seq_align_beg                 1 
_struct_ref_seq.pdbx_seq_align_beg_ins_code   ? 
_struct_ref_seq.seq_align_end                 22 
_struct_ref_seq.pdbx_seq_align_end_ins_code   ? 
_struct_ref_seq.pdbx_db_accession             2E4I 
_struct_ref_seq.db_align_beg                  1 
_struct_ref_seq.pdbx_db_align_beg_ins_code    ? 
_struct_ref_seq.db_align_end                  22 
_struct_ref_seq.pdbx_db_align_end_ins_code    ? 
_struct_ref_seq.pdbx_auth_seq_align_beg       1 
_struct_ref_seq.pdbx_auth_seq_align_end       22 
# 
_pdbx_struct_assembly.id                   1 
_pdbx_struct_assembly.details              author_defined_assembly 
_pdbx_struct_assembly.method_details       ? 
_pdbx_struct_assembly.oligomeric_details   monomeric 
_pdbx_struct_assembly.oligomeric_count     1 
# 
_pdbx_struct_assembly_gen.assembly_id       1 
_pdbx_struct_assembly_gen.oper_expression   1 
_pdbx_struct_assembly_gen.asym_id_list      A 
# 
_pdbx_struct_oper_list.id                   1 
_pdbx_struct_oper_list.type                 'identity operation' 
_pdbx_struct_oper_list.name                 1_555 
_pdbx_struct_oper_list.symmetry_operation   x,y,z 
_pdbx_struct_oper_list.matrix[1][1]         1.0000000000 
_pdbx_struct_oper_list.matrix[1][2]         0.0000000000 
_pdbx_struct_oper_list.matrix[1][3]         0.0000000000 
_pdbx_struct_oper_list.vector[1]            0.0000000000 
_pdbx_struct_oper_list.matrix[2][1]         0.0000000000 
_pdbx_struct_oper_list.matrix[2][2]         1.0000000000 
_pdbx_struct_oper_list.matrix[2][3]         0.0000000000 
_pdbx_struct_oper_list.vector[2]            0.0000000000 
_pdbx_struct_oper_list.matrix[3][1]         0.0000000000 
_pdbx_struct_oper_list.matrix[3][2]         0.0000000000 
_pdbx_struct_oper_list.matrix[3][3]         1.0000000000 
_pdbx_struct_oper_list.vector[3]            0.0000000000 
# 
_struct_biol.id        1 
_struct_biol.details   ? 
# 
loop_
_struct_conn.id 
_struct_conn.conn_type_id 
_struct_conn.pdbx_leaving_atom_flag 
_struct_conn.pdbx_PDB_id 
_struct_conn.ptnr1_label_asym_id 
_struct_conn.ptnr1_label_comp_id 
_struct_conn.ptnr1_label_seq_id 
_struct_conn.ptnr1_label_atom_id 
_struct_conn.pdbx_ptnr1_label_alt_id 
_struct_conn.pdbx_ptnr1_PDB_ins_code 
_struct_conn.pdbx_ptnr1_standard_comp_id 
_struct_conn.ptnr1_symmetry 
_struct_conn.ptnr2_label_asym_id 
_struct_conn.ptnr2_label_comp_id 
_struct_conn.ptnr2_label_seq_id 
_struct_conn.ptnr2_label_atom_id 
_struct_conn.pdbx_ptnr2_label_alt_id 
_struct_conn.pdbx_ptnr2_PDB_ins_code 
_struct_conn.ptnr1_auth_asym_id 
_struct_conn.ptnr1_auth_comp_id 
_struct_conn.ptnr1_auth_seq_id 
_struct_conn.ptnr2_auth_asym_id 
_struct_conn.ptnr2_auth_comp_id 
_struct_conn.ptnr2_auth_seq_id 
_struct_conn.ptnr2_symmetry 
_struct_conn.pdbx_ptnr3_label_atom_id 
_struct_conn.pdbx_ptnr3_label_seq_id 
_struct_conn.pdbx_ptnr3_label_comp_id 
_struct_conn.pdbx_ptnr3_label_asym_id 
_struct_conn.pdbx_ptnr3_label_alt_id 
_struct_conn.pdbx_ptnr3_PDB_ins_code 
_struct_conn.details 
_struct_conn.pdbx_dist_value 
_struct_conn.pdbx_value_order 
_struct_conn.pdbx_role 
covale1  covale both ? A DA  1  "O3'" ? ? ? 1_555 A BGM 2  P  ? ? A DA  1  A BGM 2  1_555 ? ? ? ? ? ? ?                1.607 ? ? 
covale2  covale both ? A BGM 2  "O3'" ? ? ? 1_555 A DG  3  P  ? ? A BGM 2  A DG  3  1_555 ? ? ? ? ? ? ?                1.607 ? ? 
covale3  covale both ? A DA  7  "O3'" ? ? ? 1_555 A BGM 8  P  ? ? A DA  7  A BGM 8  1_555 ? ? ? ? ? ? ?                1.607 ? ? 
covale4  covale both ? A BGM 8  "O3'" ? ? ? 1_555 A DG  9  P  ? ? A BGM 8  A DG  9  1_555 ? ? ? ? ? ? ?                1.610 ? ? 
covale5  covale both ? A DA  13 "O3'" ? ? ? 1_555 A BGM 14 P  ? ? A DA  13 A BGM 14 1_555 ? ? ? ? ? ? ?                1.607 ? ? 
covale6  covale both ? A BGM 14 "O3'" ? ? ? 1_555 A BGM 15 P  ? ? A BGM 14 A BGM 15 1_555 ? ? ? ? ? ? ?                1.608 ? ? 
covale7  covale both ? A BGM 15 "O3'" ? ? ? 1_555 A DG  16 P  ? ? A BGM 15 A DG  16 1_555 ? ? ? ? ? ? ?                1.608 ? ? 
covale8  covale both ? A DA  19 "O3'" ? ? ? 1_555 A BGM 20 P  ? ? A DA  19 A BGM 20 1_555 ? ? ? ? ? ? ?                1.607 ? ? 
covale9  covale both ? A BGM 20 "O3'" ? ? ? 1_555 A DG  21 P  ? ? A BGM 20 A DG  21 1_555 ? ? ? ? ? ? ?                1.608 ? ? 
hydrog1  hydrog ?    ? A BGM 2  N7    ? ? ? 1_555 A BGM 8  N2 ? ? A BGM 2  A BGM 8  1_555 ? ? ? ? ? ? TYPE_6_PAIR      ?     ? ? 
hydrog2  hydrog ?    ? A BGM 2  O6    ? ? ? 1_555 A BGM 8  N1 ? ? A BGM 2  A BGM 8  1_555 ? ? ? ? ? ? TYPE_6_PAIR      ?     ? ? 
hydrog3  hydrog ?    ? A BGM 2  N1    ? ? ? 1_555 A BGM 20 O6 ? ? A BGM 2  A BGM 20 1_555 ? ? ? ? ? ? TYPE_6_PAIR      ?     ? ? 
hydrog4  hydrog ?    ? A BGM 2  N2    ? ? ? 1_555 A BGM 20 N7 ? ? A BGM 2  A BGM 20 1_555 ? ? ? ? ? ? TYPE_6_PAIR      ?     ? ? 
hydrog5  hydrog ?    ? A DG  3  N1    ? ? ? 1_555 A DG  9  O6 ? ? A DG  3  A DG  9  1_555 ? ? ? ? ? ? TYPE_6_PAIR      ?     ? ? 
hydrog6  hydrog ?    ? A DG  3  N2    ? ? ? 1_555 A DG  9  N7 ? ? A DG  3  A DG  9  1_555 ? ? ? ? ? ? TYPE_6_PAIR      ?     ? ? 
hydrog7  hydrog ?    ? A DG  3  N7    ? ? ? 1_555 A DG  21 N2 ? ? A DG  3  A DG  21 1_555 ? ? ? ? ? ? TYPE_6_PAIR      ?     ? ? 
hydrog8  hydrog ?    ? A DG  3  O6    ? ? ? 1_555 A DG  21 N1 ? ? A DG  3  A DG  21 1_555 ? ? ? ? ? ? TYPE_6_PAIR      ?     ? ? 
hydrog9  hydrog ?    ? A DG  4  N1    ? ? ? 1_555 A DG  10 O6 ? ? A DG  4  A DG  10 1_555 ? ? ? ? ? ? TYPE_6_PAIR      ?     ? ? 
hydrog10 hydrog ?    ? A DG  4  N2    ? ? ? 1_555 A DG  10 N7 ? ? A DG  4  A DG  10 1_555 ? ? ? ? ? ? TYPE_6_PAIR      ?     ? ? 
hydrog11 hydrog ?    ? A DG  4  N7    ? ? ? 1_555 A DG  22 N2 ? ? A DG  4  A DG  22 1_555 ? ? ? ? ? ? TYPE_6_PAIR      ?     ? ? 
hydrog12 hydrog ?    ? A DG  4  O6    ? ? ? 1_555 A DG  22 N1 ? ? A DG  4  A DG  22 1_555 ? ? ? ? ? ? TYPE_6_PAIR      ?     ? ? 
hydrog13 hydrog ?    ? A BGM 8  N7    ? ? ? 1_555 A DG  16 N2 ? ? A BGM 8  A DG  16 1_555 ? ? ? ? ? ? TYPE_6_PAIR      ?     ? ? 
hydrog14 hydrog ?    ? A BGM 8  O6    ? ? ? 1_555 A DG  16 N1 ? ? A BGM 8  A DG  16 1_555 ? ? ? ? ? ? TYPE_6_PAIR      ?     ? ? 
hydrog15 hydrog ?    ? A DG  9  N1    ? ? ? 1_555 A BGM 15 O6 ? ? A DG  9  A BGM 15 1_555 ? ? ? ? ? ? TYPE_6_PAIR      ?     ? ? 
hydrog16 hydrog ?    ? A DG  9  N2    ? ? ? 1_555 A BGM 15 N7 ? ? A DG  9  A BGM 15 1_555 ? ? ? ? ? ? TYPE_6_PAIR      ?     ? ? 
hydrog17 hydrog ?    ? A DG  10 N1    ? ? ? 1_555 A BGM 14 O6 ? ? A DG  10 A BGM 14 1_555 ? ? ? ? ? ? TYPE_6_PAIR      ?     ? ? 
hydrog18 hydrog ?    ? A DG  10 N2    ? ? ? 1_555 A BGM 14 N7 ? ? A DG  10 A BGM 14 1_555 ? ? ? ? ? ? TYPE_6_PAIR      ?     ? ? 
hydrog19 hydrog ?    ? A DG  10 N1    ? ? ? 1_555 A BGM 15 O6 ? ? A DG  10 A BGM 15 1_555 ? ? ? ? ? ? 'DG-BGM MISPAIR' ?     ? ? 
hydrog20 hydrog ?    ? A BGM 14 N1    ? ? ? 1_555 A DG  22 O6 ? ? A BGM 14 A DG  22 1_555 ? ? ? ? ? ? TYPE_6_PAIR      ?     ? ? 
hydrog21 hydrog ?    ? A BGM 14 N2    ? ? ? 1_555 A DG  22 N7 ? ? A BGM 14 A DG  22 1_555 ? ? ? ? ? ? TYPE_6_PAIR      ?     ? ? 
hydrog22 hydrog ?    ? A BGM 15 N1    ? ? ? 1_555 A DG  21 O6 ? ? A BGM 15 A DG  21 1_555 ? ? ? ? ? ? TYPE_6_PAIR      ?     ? ? 
hydrog23 hydrog ?    ? A BGM 15 N2    ? ? ? 1_555 A DG  21 N7 ? ? A BGM 15 A DG  21 1_555 ? ? ? ? ? ? TYPE_6_PAIR      ?     ? ? 
hydrog24 hydrog ?    ? A DG  16 N7    ? ? ? 1_555 A BGM 20 N2 ? ? A DG  16 A BGM 20 1_555 ? ? ? ? ? ? TYPE_6_PAIR      ?     ? ? 
hydrog25 hydrog ?    ? A DG  16 O6    ? ? ? 1_555 A BGM 20 N1 ? ? A DG  16 A BGM 20 1_555 ? ? ? ? ? ? TYPE_6_PAIR      ?     ? ? 
# 
loop_
_struct_conn_type.id 
_struct_conn_type.criteria 
_struct_conn_type.reference 
covale ? ? 
hydrog ? ? 
# 
loop_
_pdbx_struct_mod_residue.id 
_pdbx_struct_mod_residue.label_asym_id 
_pdbx_struct_mod_residue.label_comp_id 
_pdbx_struct_mod_residue.label_seq_id 
_pdbx_struct_mod_residue.auth_asym_id 
_pdbx_struct_mod_residue.auth_comp_id 
_pdbx_struct_mod_residue.auth_seq_id 
_pdbx_struct_mod_residue.PDB_ins_code 
_pdbx_struct_mod_residue.parent_comp_id 
_pdbx_struct_mod_residue.details 
1 A BGM 2  A BGM 2  ? DG ? 
2 A BGM 8  A BGM 8  ? DG ? 
3 A BGM 14 A BGM 14 ? DG ? 
4 A BGM 15 A BGM 15 ? DG ? 
5 A BGM 20 A BGM 20 ? DG ? 
# 
_pdbx_nmr_ensemble.entry_id                                      2E4I 
_pdbx_nmr_ensemble.conformers_calculated_total_number            100 
_pdbx_nmr_ensemble.conformers_submitted_total_number             1 
_pdbx_nmr_ensemble.conformer_selection_criteria                  'structures with the lowest energy' 
_pdbx_nmr_ensemble.average_constraints_per_residue               ? 
_pdbx_nmr_ensemble.average_constraint_violations_per_residue     ? 
_pdbx_nmr_ensemble.maximum_distance_constraint_violation         ? 
_pdbx_nmr_ensemble.average_distance_constraint_violation         ? 
_pdbx_nmr_ensemble.maximum_upper_distance_constraint_violation   ? 
_pdbx_nmr_ensemble.maximum_lower_distance_constraint_violation   ? 
_pdbx_nmr_ensemble.distance_constraint_violation_method          ? 
_pdbx_nmr_ensemble.maximum_torsion_angle_constraint_violation    ? 
_pdbx_nmr_ensemble.average_torsion_angle_constraint_violation    ? 
_pdbx_nmr_ensemble.torsion_angle_constraint_violation_method     ? 
# 
_pdbx_nmr_representative.entry_id             2E4I 
_pdbx_nmr_representative.conformer_id         1 
_pdbx_nmr_representative.selection_criteria   'lowest energy' 
# 
loop_
_pdbx_nmr_sample_details.solution_id 
_pdbx_nmr_sample_details.contents 
_pdbx_nmr_sample_details.solvent_system 
1 '0.6mM DNA; 100mM KCl; 10mM K-phosphate (pH 6.3); 0.01mM DSS, 100% D2O'        '100% D2O'       
2 '0.6mM DNA; 100mM KCl; 10mM K-phosphate (pH 6.3); 0.01mM DSS, 95% H2O, 5% D2O' '95% H2O/5% D2O' 
3 '1.3mM DNA; 100mM KCl; 10mM K-phosphate (pH 6.3); 0.01mM DSS, 95% H2O, 5% D2O' '95% H2O/5% D2O' 
# 
_pdbx_nmr_exptl_sample_conditions.conditions_id       1 
_pdbx_nmr_exptl_sample_conditions.temperature         298 
_pdbx_nmr_exptl_sample_conditions.pressure            ambient 
_pdbx_nmr_exptl_sample_conditions.pH                  6.3 
_pdbx_nmr_exptl_sample_conditions.ionic_strength      '110mM Potassium Ion' 
_pdbx_nmr_exptl_sample_conditions.pressure_units      . 
_pdbx_nmr_exptl_sample_conditions.temperature_units   K 
# 
loop_
_pdbx_nmr_exptl.experiment_id 
_pdbx_nmr_exptl.conditions_id 
_pdbx_nmr_exptl.type 
_pdbx_nmr_exptl.solution_id 
1 1 '2D NOESY'  1 
2 1 '2D TOCSY'  1 
3 1 DQF-COSY    1 
4 1 '2D NOESY'  2 
5 1 JR-HMBC     3 
6 1 13C-HSQC    3 
7 1 'H, P HSQC' 1 
# 
_pdbx_nmr_refine.entry_id           2E4I 
_pdbx_nmr_refine.method             'simulated annealing' 
_pdbx_nmr_refine.details            
;the structures are based on a total of 752 restraints, 582 are NOE-derived 
distance constraints, 110 dihedral angle restraints,48 distance restraints  
from hydrogen bonds, 12 planarity restraints for tetrad planes.
;
_pdbx_nmr_refine.software_ordinal   1 
# 
loop_
_pdbx_nmr_software.classification 
_pdbx_nmr_software.name 
_pdbx_nmr_software.version 
_pdbx_nmr_software.authors 
_pdbx_nmr_software.ordinal 
processing           NMRPipe 2.4   'F. Delaglio'  1 
processing           XwinNMR 3.5   Bruker         2 
'data analysis'      PIPP    4.3.2 'D. Garrett'   3 
'data analysis'      Spaky   3.112 'T.D. Goddard' 4 
'structure solution' X-PLOR  3.851 'A.T. Brunger' 5 
refinement           X-PLOR  3.851 'A.T. Brunger' 6 
# 
loop_
_chem_comp_atom.comp_id 
_chem_comp_atom.atom_id 
_chem_comp_atom.type_symbol 
_chem_comp_atom.pdbx_aromatic_flag 
_chem_comp_atom.pdbx_stereo_config 
_chem_comp_atom.pdbx_ordinal 
BGM P      P  N N 1   
BGM OP1    O  N N 2   
BGM OP2    O  N N 3   
BGM "O5'"  O  N N 4   
BGM "C5'"  C  N N 5   
BGM "C4'"  C  N R 6   
BGM "O4'"  O  N N 7   
BGM "C1'"  C  N R 8   
BGM N9     N  Y N 9   
BGM C8     C  Y N 10  
BGM N7     N  Y N 11  
BGM C5     C  Y N 12  
BGM C4     C  Y N 13  
BGM N3     N  N N 14  
BGM C2     C  N N 15  
BGM N2     N  N N 16  
BGM N1     N  N N 17  
BGM C6     C  N N 18  
BGM O6     O  N N 19  
BGM "C2'"  C  N N 20  
BGM "C3'"  C  N S 21  
BGM "O3'"  O  N N 22  
BGM OP3    O  N N 23  
BGM BR     BR N N 24  
BGM HOP2   H  N N 25  
BGM "H5'"  H  N N 26  
BGM "H5''" H  N N 27  
BGM "H4'"  H  N N 28  
BGM "H1'"  H  N N 29  
BGM H21    H  N N 30  
BGM H22    H  N N 31  
BGM H1     H  N N 32  
BGM "H2'"  H  N N 33  
BGM "H2''" H  N N 34  
BGM "H3'"  H  N N 35  
BGM "HO3'" H  N N 36  
BGM HOP3   H  N N 37  
DA  OP3    O  N N 38  
DA  P      P  N N 39  
DA  OP1    O  N N 40  
DA  OP2    O  N N 41  
DA  "O5'"  O  N N 42  
DA  "C5'"  C  N N 43  
DA  "C4'"  C  N R 44  
DA  "O4'"  O  N N 45  
DA  "C3'"  C  N S 46  
DA  "O3'"  O  N N 47  
DA  "C2'"  C  N N 48  
DA  "C1'"  C  N R 49  
DA  N9     N  Y N 50  
DA  C8     C  Y N 51  
DA  N7     N  Y N 52  
DA  C5     C  Y N 53  
DA  C6     C  Y N 54  
DA  N6     N  N N 55  
DA  N1     N  Y N 56  
DA  C2     C  Y N 57  
DA  N3     N  Y N 58  
DA  C4     C  Y N 59  
DA  HOP3   H  N N 60  
DA  HOP2   H  N N 61  
DA  "H5'"  H  N N 62  
DA  "H5''" H  N N 63  
DA  "H4'"  H  N N 64  
DA  "H3'"  H  N N 65  
DA  "HO3'" H  N N 66  
DA  "H2'"  H  N N 67  
DA  "H2''" H  N N 68  
DA  "H1'"  H  N N 69  
DA  H8     H  N N 70  
DA  H61    H  N N 71  
DA  H62    H  N N 72  
DA  H2     H  N N 73  
DG  OP3    O  N N 74  
DG  P      P  N N 75  
DG  OP1    O  N N 76  
DG  OP2    O  N N 77  
DG  "O5'"  O  N N 78  
DG  "C5'"  C  N N 79  
DG  "C4'"  C  N R 80  
DG  "O4'"  O  N N 81  
DG  "C3'"  C  N S 82  
DG  "O3'"  O  N N 83  
DG  "C2'"  C  N N 84  
DG  "C1'"  C  N R 85  
DG  N9     N  Y N 86  
DG  C8     C  Y N 87  
DG  N7     N  Y N 88  
DG  C5     C  Y N 89  
DG  C6     C  N N 90  
DG  O6     O  N N 91  
DG  N1     N  N N 92  
DG  C2     C  N N 93  
DG  N2     N  N N 94  
DG  N3     N  N N 95  
DG  C4     C  Y N 96  
DG  HOP3   H  N N 97  
DG  HOP2   H  N N 98  
DG  "H5'"  H  N N 99  
DG  "H5''" H  N N 100 
DG  "H4'"  H  N N 101 
DG  "H3'"  H  N N 102 
DG  "HO3'" H  N N 103 
DG  "H2'"  H  N N 104 
DG  "H2''" H  N N 105 
DG  "H1'"  H  N N 106 
DG  H8     H  N N 107 
DG  H1     H  N N 108 
DG  H21    H  N N 109 
DG  H22    H  N N 110 
DT  OP3    O  N N 111 
DT  P      P  N N 112 
DT  OP1    O  N N 113 
DT  OP2    O  N N 114 
DT  "O5'"  O  N N 115 
DT  "C5'"  C  N N 116 
DT  "C4'"  C  N R 117 
DT  "O4'"  O  N N 118 
DT  "C3'"  C  N S 119 
DT  "O3'"  O  N N 120 
DT  "C2'"  C  N N 121 
DT  "C1'"  C  N R 122 
DT  N1     N  N N 123 
DT  C2     C  N N 124 
DT  O2     O  N N 125 
DT  N3     N  N N 126 
DT  C4     C  N N 127 
DT  O4     O  N N 128 
DT  C5     C  N N 129 
DT  C7     C  N N 130 
DT  C6     C  N N 131 
DT  HOP3   H  N N 132 
DT  HOP2   H  N N 133 
DT  "H5'"  H  N N 134 
DT  "H5''" H  N N 135 
DT  "H4'"  H  N N 136 
DT  "H3'"  H  N N 137 
DT  "HO3'" H  N N 138 
DT  "H2'"  H  N N 139 
DT  "H2''" H  N N 140 
DT  "H1'"  H  N N 141 
DT  H3     H  N N 142 
DT  H71    H  N N 143 
DT  H72    H  N N 144 
DT  H73    H  N N 145 
DT  H6     H  N N 146 
# 
loop_
_chem_comp_bond.comp_id 
_chem_comp_bond.atom_id_1 
_chem_comp_bond.atom_id_2 
_chem_comp_bond.value_order 
_chem_comp_bond.pdbx_aromatic_flag 
_chem_comp_bond.pdbx_stereo_config 
_chem_comp_bond.pdbx_ordinal 
BGM P     OP1    doub N N 1   
BGM P     OP2    sing N N 2   
BGM P     "O5'"  sing N N 3   
BGM P     OP3    sing N N 4   
BGM OP2   HOP2   sing N N 5   
BGM "O5'" "C5'"  sing N N 6   
BGM "C5'" "C4'"  sing N N 7   
BGM "C5'" "H5'"  sing N N 8   
BGM "C5'" "H5''" sing N N 9   
BGM "C4'" "O4'"  sing N N 10  
BGM "C4'" "C3'"  sing N N 11  
BGM "C4'" "H4'"  sing N N 12  
BGM "O4'" "C1'"  sing N N 13  
BGM "C1'" N9     sing N N 14  
BGM "C1'" "C2'"  sing N N 15  
BGM "C1'" "H1'"  sing N N 16  
BGM N9    C8     sing Y N 17  
BGM N9    C4     sing Y N 18  
BGM C8    N7     doub Y N 19  
BGM C8    BR     sing N N 20  
BGM N7    C5     sing Y N 21  
BGM C5    C4     doub Y N 22  
BGM C5    C6     sing N N 23  
BGM C4    N3     sing N N 24  
BGM N3    C2     doub N N 25  
BGM C2    N2     sing N N 26  
BGM C2    N1     sing N N 27  
BGM N2    H21    sing N N 28  
BGM N2    H22    sing N N 29  
BGM N1    C6     sing N N 30  
BGM N1    H1     sing N N 31  
BGM C6    O6     doub N N 32  
BGM "C2'" "C3'"  sing N N 33  
BGM "C2'" "H2'"  sing N N 34  
BGM "C2'" "H2''" sing N N 35  
BGM "C3'" "O3'"  sing N N 36  
BGM "C3'" "H3'"  sing N N 37  
BGM "O3'" "HO3'" sing N N 38  
BGM OP3   HOP3   sing N N 39  
DA  OP3   P      sing N N 40  
DA  OP3   HOP3   sing N N 41  
DA  P     OP1    doub N N 42  
DA  P     OP2    sing N N 43  
DA  P     "O5'"  sing N N 44  
DA  OP2   HOP2   sing N N 45  
DA  "O5'" "C5'"  sing N N 46  
DA  "C5'" "C4'"  sing N N 47  
DA  "C5'" "H5'"  sing N N 48  
DA  "C5'" "H5''" sing N N 49  
DA  "C4'" "O4'"  sing N N 50  
DA  "C4'" "C3'"  sing N N 51  
DA  "C4'" "H4'"  sing N N 52  
DA  "O4'" "C1'"  sing N N 53  
DA  "C3'" "O3'"  sing N N 54  
DA  "C3'" "C2'"  sing N N 55  
DA  "C3'" "H3'"  sing N N 56  
DA  "O3'" "HO3'" sing N N 57  
DA  "C2'" "C1'"  sing N N 58  
DA  "C2'" "H2'"  sing N N 59  
DA  "C2'" "H2''" sing N N 60  
DA  "C1'" N9     sing N N 61  
DA  "C1'" "H1'"  sing N N 62  
DA  N9    C8     sing Y N 63  
DA  N9    C4     sing Y N 64  
DA  C8    N7     doub Y N 65  
DA  C8    H8     sing N N 66  
DA  N7    C5     sing Y N 67  
DA  C5    C6     sing Y N 68  
DA  C5    C4     doub Y N 69  
DA  C6    N6     sing N N 70  
DA  C6    N1     doub Y N 71  
DA  N6    H61    sing N N 72  
DA  N6    H62    sing N N 73  
DA  N1    C2     sing Y N 74  
DA  C2    N3     doub Y N 75  
DA  C2    H2     sing N N 76  
DA  N3    C4     sing Y N 77  
DG  OP3   P      sing N N 78  
DG  OP3   HOP3   sing N N 79  
DG  P     OP1    doub N N 80  
DG  P     OP2    sing N N 81  
DG  P     "O5'"  sing N N 82  
DG  OP2   HOP2   sing N N 83  
DG  "O5'" "C5'"  sing N N 84  
DG  "C5'" "C4'"  sing N N 85  
DG  "C5'" "H5'"  sing N N 86  
DG  "C5'" "H5''" sing N N 87  
DG  "C4'" "O4'"  sing N N 88  
DG  "C4'" "C3'"  sing N N 89  
DG  "C4'" "H4'"  sing N N 90  
DG  "O4'" "C1'"  sing N N 91  
DG  "C3'" "O3'"  sing N N 92  
DG  "C3'" "C2'"  sing N N 93  
DG  "C3'" "H3'"  sing N N 94  
DG  "O3'" "HO3'" sing N N 95  
DG  "C2'" "C1'"  sing N N 96  
DG  "C2'" "H2'"  sing N N 97  
DG  "C2'" "H2''" sing N N 98  
DG  "C1'" N9     sing N N 99  
DG  "C1'" "H1'"  sing N N 100 
DG  N9    C8     sing Y N 101 
DG  N9    C4     sing Y N 102 
DG  C8    N7     doub Y N 103 
DG  C8    H8     sing N N 104 
DG  N7    C5     sing Y N 105 
DG  C5    C6     sing N N 106 
DG  C5    C4     doub Y N 107 
DG  C6    O6     doub N N 108 
DG  C6    N1     sing N N 109 
DG  N1    C2     sing N N 110 
DG  N1    H1     sing N N 111 
DG  C2    N2     sing N N 112 
DG  C2    N3     doub N N 113 
DG  N2    H21    sing N N 114 
DG  N2    H22    sing N N 115 
DG  N3    C4     sing N N 116 
DT  OP3   P      sing N N 117 
DT  OP3   HOP3   sing N N 118 
DT  P     OP1    doub N N 119 
DT  P     OP2    sing N N 120 
DT  P     "O5'"  sing N N 121 
DT  OP2   HOP2   sing N N 122 
DT  "O5'" "C5'"  sing N N 123 
DT  "C5'" "C4'"  sing N N 124 
DT  "C5'" "H5'"  sing N N 125 
DT  "C5'" "H5''" sing N N 126 
DT  "C4'" "O4'"  sing N N 127 
DT  "C4'" "C3'"  sing N N 128 
DT  "C4'" "H4'"  sing N N 129 
DT  "O4'" "C1'"  sing N N 130 
DT  "C3'" "O3'"  sing N N 131 
DT  "C3'" "C2'"  sing N N 132 
DT  "C3'" "H3'"  sing N N 133 
DT  "O3'" "HO3'" sing N N 134 
DT  "C2'" "C1'"  sing N N 135 
DT  "C2'" "H2'"  sing N N 136 
DT  "C2'" "H2''" sing N N 137 
DT  "C1'" N1     sing N N 138 
DT  "C1'" "H1'"  sing N N 139 
DT  N1    C2     sing N N 140 
DT  N1    C6     sing N N 141 
DT  C2    O2     doub N N 142 
DT  C2    N3     sing N N 143 
DT  N3    C4     sing N N 144 
DT  N3    H3     sing N N 145 
DT  C4    O4     doub N N 146 
DT  C4    C5     sing N N 147 
DT  C5    C7     sing N N 148 
DT  C5    C6     doub N N 149 
DT  C7    H71    sing N N 150 
DT  C7    H72    sing N N 151 
DT  C7    H73    sing N N 152 
DT  C6    H6     sing N N 153 
# 
loop_
_ndb_struct_conf_na.entry_id 
_ndb_struct_conf_na.feature 
2E4I 'double helix'        
2E4I 'z-form double helix' 
2E4I 'quadruple helix'     
# 
loop_
_ndb_struct_na_base_pair.model_number 
_ndb_struct_na_base_pair.i_label_asym_id 
_ndb_struct_na_base_pair.i_label_comp_id 
_ndb_struct_na_base_pair.i_label_seq_id 
_ndb_struct_na_base_pair.i_symmetry 
_ndb_struct_na_base_pair.j_label_asym_id 
_ndb_struct_na_base_pair.j_label_comp_id 
_ndb_struct_na_base_pair.j_label_seq_id 
_ndb_struct_na_base_pair.j_symmetry 
_ndb_struct_na_base_pair.shear 
_ndb_struct_na_base_pair.stretch 
_ndb_struct_na_base_pair.stagger 
_ndb_struct_na_base_pair.buckle 
_ndb_struct_na_base_pair.propeller 
_ndb_struct_na_base_pair.opening 
_ndb_struct_na_base_pair.pair_number 
_ndb_struct_na_base_pair.pair_name 
_ndb_struct_na_base_pair.i_auth_asym_id 
_ndb_struct_na_base_pair.i_auth_seq_id 
_ndb_struct_na_base_pair.i_PDB_ins_code 
_ndb_struct_na_base_pair.j_auth_asym_id 
_ndb_struct_na_base_pair.j_auth_seq_id 
_ndb_struct_na_base_pair.j_PDB_ins_code 
_ndb_struct_na_base_pair.hbond_type_28 
_ndb_struct_na_base_pair.hbond_type_12 
1 A BGM 2  1_555 A BGM 20 1_555 2.323  3.549  -0.194 -4.373  5.784   -82.253  1 A_BGM2:BGM20_A A 2  ? A 20 ? 6 ? 
1 A BGM 8  1_555 A DG  16 1_555 -2.060 -3.763 -0.036 -15.099 -1.687  77.040   2 A_BGM8:DG16_A  A 8  ? A 16 ? 6 ? 
1 A DG  21 1_555 A BGM 15 1_555 -0.761 -3.821 -0.773 7.359   13.231  92.531   3 A_DG21:BGM15_A A 21 ? A 15 ? 6 3 
1 A BGM 14 1_555 A DG  22 1_555 -0.985 3.794  -0.586 -10.707 -18.578 91.605   4 A_BGM14:DG22_A A 14 ? A 22 ? 6 ? 
1 A DG  9  1_555 A DG  3  1_555 0.748  -3.383 1.179  11.948  23.167  -104.617 5 A_DG9:DG3_A    A 9  ? A 3  ? 6 ? 
# 
loop_
_ndb_struct_na_base_pair_step.model_number 
_ndb_struct_na_base_pair_step.i_label_asym_id_1 
_ndb_struct_na_base_pair_step.i_label_comp_id_1 
_ndb_struct_na_base_pair_step.i_label_seq_id_1 
_ndb_struct_na_base_pair_step.i_symmetry_1 
_ndb_struct_na_base_pair_step.j_label_asym_id_1 
_ndb_struct_na_base_pair_step.j_label_comp_id_1 
_ndb_struct_na_base_pair_step.j_label_seq_id_1 
_ndb_struct_na_base_pair_step.j_symmetry_1 
_ndb_struct_na_base_pair_step.i_label_asym_id_2 
_ndb_struct_na_base_pair_step.i_label_comp_id_2 
_ndb_struct_na_base_pair_step.i_label_seq_id_2 
_ndb_struct_na_base_pair_step.i_symmetry_2 
_ndb_struct_na_base_pair_step.j_label_asym_id_2 
_ndb_struct_na_base_pair_step.j_label_comp_id_2 
_ndb_struct_na_base_pair_step.j_label_seq_id_2 
_ndb_struct_na_base_pair_step.j_symmetry_2 
_ndb_struct_na_base_pair_step.shift 
_ndb_struct_na_base_pair_step.slide 
_ndb_struct_na_base_pair_step.rise 
_ndb_struct_na_base_pair_step.tilt 
_ndb_struct_na_base_pair_step.roll 
_ndb_struct_na_base_pair_step.twist 
_ndb_struct_na_base_pair_step.x_displacement 
_ndb_struct_na_base_pair_step.y_displacement 
_ndb_struct_na_base_pair_step.helical_rise 
_ndb_struct_na_base_pair_step.inclination 
_ndb_struct_na_base_pair_step.tip 
_ndb_struct_na_base_pair_step.helical_twist 
_ndb_struct_na_base_pair_step.step_number 
_ndb_struct_na_base_pair_step.step_name 
_ndb_struct_na_base_pair_step.i_auth_asym_id_1 
_ndb_struct_na_base_pair_step.i_auth_seq_id_1 
_ndb_struct_na_base_pair_step.i_PDB_ins_code_1 
_ndb_struct_na_base_pair_step.j_auth_asym_id_1 
_ndb_struct_na_base_pair_step.j_auth_seq_id_1 
_ndb_struct_na_base_pair_step.j_PDB_ins_code_1 
_ndb_struct_na_base_pair_step.i_auth_asym_id_2 
_ndb_struct_na_base_pair_step.i_auth_seq_id_2 
_ndb_struct_na_base_pair_step.i_PDB_ins_code_2 
_ndb_struct_na_base_pair_step.j_auth_asym_id_2 
_ndb_struct_na_base_pair_step.j_auth_seq_id_2 
_ndb_struct_na_base_pair_step.j_PDB_ins_code_2 
1 A BGM 2  1_555 A BGM 20 1_555 A BGM 8  1_555 A DG  16 1_555 -0.590 -3.756 -0.673 1.219   0.198    177.192  -1.878 0.295  -0.674 
0.099  -0.610  177.192  1 AA_BGM2BGM8:DG16BGM20_AA A 2  ? A 20 ? A 8  ? A 16 ? 
1 A BGM 8  1_555 A DG  16 1_555 A DG  21 1_555 A BGM 15 1_555 -1.960 5.034  -2.686 -38.864 -171.727 -103.150 -2.859 -0.903 0.676  
86.278 -19.526 -177.558 2 AA_BGM8DG21:BGM15DG16_AA A 8  ? A 16 ? A 21 ? A 15 ? 
1 A BGM 14 1_555 A DG  22 1_555 A DG  9  1_555 A DG  3  1_555 1.696  -3.786 3.553  10.906  -10.077  -156.165 1.967  0.902  3.448  
5.148  5.572   -156.368 3 AA_BGM14DG9:DG3DG22_AA   A 14 ? A 22 ? A 9  ? A 3  ? 
# 
loop_
_pdbx_nmr_spectrometer.spectrometer_id 
_pdbx_nmr_spectrometer.model 
_pdbx_nmr_spectrometer.manufacturer 
_pdbx_nmr_spectrometer.field_strength 
_pdbx_nmr_spectrometer.type 
1 AVANCE Bruker 800 ? 
2 AVANCE Bruker 600 ? 
3 AVANCE Bruker 500 ? 
# 
_atom_sites.entry_id                    2E4I 
_atom_sites.fract_transf_matrix[1][1]   1.000000 
_atom_sites.fract_transf_matrix[1][2]   0.000000 
_atom_sites.fract_transf_matrix[1][3]   0.000000 
_atom_sites.fract_transf_matrix[2][1]   0.000000 
_atom_sites.fract_transf_matrix[2][2]   1.000000 
_atom_sites.fract_transf_matrix[2][3]   0.000000 
_atom_sites.fract_transf_matrix[3][1]   0.000000 
_atom_sites.fract_transf_matrix[3][2]   0.000000 
_atom_sites.fract_transf_matrix[3][3]   1.000000 
_atom_sites.fract_transf_vector[1]      0.00000 
_atom_sites.fract_transf_vector[2]      0.00000 
_atom_sites.fract_transf_vector[3]      0.00000 
# 
loop_
_atom_type.symbol 
BR 
C  
H  
N  
O  
P  
# 
loop_
_atom_site.group_PDB 
_atom_site.id 
_atom_site.type_symbol 
_atom_site.label_atom_id 
_atom_site.label_alt_id 
_atom_site.label_comp_id 
_atom_site.label_asym_id 
_atom_site.label_entity_id 
_atom_site.label_seq_id 
_atom_site.pdbx_PDB_ins_code 
_atom_site.Cartn_x 
_atom_site.Cartn_y 
_atom_site.Cartn_z 
_atom_site.occupancy 
_atom_site.B_iso_or_equiv 
_atom_site.pdbx_formal_charge 
_atom_site.auth_seq_id 
_atom_site.auth_comp_id 
_atom_site.auth_asym_id 
_atom_site.auth_atom_id 
_atom_site.pdbx_PDB_model_num 
ATOM   1   O  "O5'"  . DA  A 1 1  ? -2.732  3.136   7.689   1.00 0.00 ? 1  DA  A "O5'"  1 
ATOM   2   C  "C5'"  . DA  A 1 1  ? -1.397  3.613   7.506   1.00 0.00 ? 1  DA  A "C5'"  1 
ATOM   3   C  "C4'"  . DA  A 1 1  ? -0.388  2.559   7.896   1.00 0.00 ? 1  DA  A "C4'"  1 
ATOM   4   O  "O4'"  . DA  A 1 1  ? 0.916   2.948   7.422   1.00 0.00 ? 1  DA  A "O4'"  1 
ATOM   5   C  "C3'"  . DA  A 1 1  ? -0.207  2.363   9.397   1.00 0.00 ? 1  DA  A "C3'"  1 
ATOM   6   O  "O3'"  . DA  A 1 1  ? -1.110  1.365   9.882   1.00 0.00 ? 1  DA  A "O3'"  1 
ATOM   7   C  "C2'"  . DA  A 1 1  ? 1.232   1.886   9.522   1.00 0.00 ? 1  DA  A "C2'"  1 
ATOM   8   C  "C1'"  . DA  A 1 1  ? 1.900   2.296   8.207   1.00 0.00 ? 1  DA  A "C1'"  1 
ATOM   9   N  N9     . DA  A 1 1  ? 3.023   3.217   8.375   1.00 0.00 ? 1  DA  A N9     1 
ATOM   10  C  C8     . DA  A 1 1  ? 2.975   4.573   8.579   1.00 0.00 ? 1  DA  A C8     1 
ATOM   11  N  N7     . DA  A 1 1  ? 4.155   5.132   8.699   1.00 0.00 ? 1  DA  A N7     1 
ATOM   12  C  C5     . DA  A 1 1  ? 5.040   4.071   8.563   1.00 0.00 ? 1  DA  A C5     1 
ATOM   13  C  C6     . DA  A 1 1  ? 6.444   4.000   8.595   1.00 0.00 ? 1  DA  A C6     1 
ATOM   14  N  N6     . DA  A 1 1  ? 7.235   5.059   8.782   1.00 0.00 ? 1  DA  A N6     1 
ATOM   15  N  N1     . DA  A 1 1  ? 7.015   2.788   8.425   1.00 0.00 ? 1  DA  A N1     1 
ATOM   16  C  C2     . DA  A 1 1  ? 6.221   1.726   8.239   1.00 0.00 ? 1  DA  A C2     1 
ATOM   17  N  N3     . DA  A 1 1  ? 4.892   1.665   8.190   1.00 0.00 ? 1  DA  A N3     1 
ATOM   18  C  C4     . DA  A 1 1  ? 4.356   2.886   8.362   1.00 0.00 ? 1  DA  A C4     1 
ATOM   19  H  "H5'"  . DA  A 1 1  ? -1.240  4.500   8.120   1.00 0.00 ? 1  DA  A "H5'"  1 
ATOM   20  H  "H5''" . DA  A 1 1  ? -1.246  3.877   6.458   1.00 0.00 ? 1  DA  A "H5''" 1 
ATOM   21  H  "H4'"  . DA  A 1 1  ? -0.728  1.605   7.491   1.00 0.00 ? 1  DA  A "H4'"  1 
ATOM   22  H  "H3'"  . DA  A 1 1  ? -0.376  3.293   9.939   1.00 0.00 ? 1  DA  A "H3'"  1 
ATOM   23  H  "H2'"  . DA  A 1 1  ? 1.722   2.332   10.388  1.00 0.00 ? 1  DA  A "H2'"  1 
ATOM   24  H  "H2''" . DA  A 1 1  ? 1.282   0.804   9.640   1.00 0.00 ? 1  DA  A "H2''" 1 
ATOM   25  H  "H1'"  . DA  A 1 1  ? 2.248   1.422   7.655   1.00 0.00 ? 1  DA  A "H1'"  1 
ATOM   26  H  H8     . DA  A 1 1  ? 2.051   5.129   8.637   1.00 0.00 ? 1  DA  A H8     1 
ATOM   27  H  H61    . DA  A 1 1  ? 6.832   5.976   8.912   1.00 0.00 ? 1  DA  A H61    1 
ATOM   28  H  H62    . DA  A 1 1  ? 8.238   4.941   8.795   1.00 0.00 ? 1  DA  A H62    1 
ATOM   29  H  H2     . DA  A 1 1  ? 6.736   0.775   8.107   1.00 0.00 ? 1  DA  A H2     1 
ATOM   30  H  "HO5'" . DA  A 1 1  ? -2.672  2.252   8.058   1.00 0.00 ? 1  DA  A "HO5'" 1 
HETATM 31  P  P      . BGM A 1 2  ? -1.113  0.986   11.443  1.00 0.00 ? 2  BGM A P      1 
HETATM 32  O  OP1    . BGM A 1 2  ? -2.210  1.755   12.084  1.00 0.00 ? 2  BGM A OP1    1 
HETATM 33  O  OP2    . BGM A 1 2  ? 0.273   1.118   11.959  1.00 0.00 ? 2  BGM A OP2    1 
HETATM 34  O  "O5'"  . BGM A 1 2  ? -1.511  -0.556  11.466  1.00 0.00 ? 2  BGM A "O5'"  1 
HETATM 35  C  "C5'"  . BGM A 1 2  ? -1.094  -1.440  10.425  1.00 0.00 ? 2  BGM A "C5'"  1 
HETATM 36  C  "C4'"  . BGM A 1 2  ? -2.294  -2.120  9.808   1.00 0.00 ? 2  BGM A "C4'"  1 
HETATM 37  O  "O4'"  . BGM A 1 2  ? -2.873  -1.238  8.815   1.00 0.00 ? 2  BGM A "O4'"  1 
HETATM 38  C  "C1'"  . BGM A 1 2  ? -2.866  -1.866  7.543   1.00 0.00 ? 2  BGM A "C1'"  1 
HETATM 39  N  N9     . BGM A 1 2  ? -2.579  -0.844  6.540   1.00 0.00 ? 2  BGM A N9     1 
HETATM 40  C  C8     . BGM A 1 2  ? -3.478  0.017   5.960   1.00 0.00 ? 2  BGM A C8     1 
HETATM 41  N  N7     . BGM A 1 2  ? -2.931  0.825   5.093   1.00 0.00 ? 2  BGM A N7     1 
HETATM 42  C  C5     . BGM A 1 2  ? -1.587  0.477   5.102   1.00 0.00 ? 2  BGM A C5     1 
HETATM 43  C  C4     . BGM A 1 2  ? -1.354  -0.553  5.990   1.00 0.00 ? 2  BGM A C4     1 
HETATM 44  N  N3     . BGM A 1 2  ? -0.188  -1.165  6.283   1.00 0.00 ? 2  BGM A N3     1 
HETATM 45  C  C2     . BGM A 1 2  ? 0.822   -0.663  5.590   1.00 0.00 ? 2  BGM A C2     1 
HETATM 46  N  N2     . BGM A 1 2  ? 2.058   -1.158  5.757   1.00 0.00 ? 2  BGM A N2     1 
HETATM 47  N  N1     . BGM A 1 2  ? 0.696   0.360   4.683   1.00 0.00 ? 2  BGM A N1     1 
HETATM 48  C  C6     . BGM A 1 2  ? -0.495  1.006   4.367   1.00 0.00 ? 2  BGM A C6     1 
HETATM 49  O  O6     . BGM A 1 2  ? -0.496  1.919   3.532   1.00 0.00 ? 2  BGM A O6     1 
HETATM 50  C  "C2'"  . BGM A 1 2  ? -1.842  -2.983  7.631   1.00 0.00 ? 2  BGM A "C2'"  1 
HETATM 51  C  "C3'"  . BGM A 1 2  ? -1.993  -3.427  9.073   1.00 0.00 ? 2  BGM A "C3'"  1 
HETATM 52  O  "O3'"  . BGM A 1 2  ? -3.091  -4.335  9.211   1.00 0.00 ? 2  BGM A "O3'"  1 
HETATM 53  BR BR     . BGM A 1 2  ? -5.341  0.032   6.392   1.00 0.00 ? 2  BGM A BR     1 
HETATM 54  H  "H5'"  . BGM A 1 2  ? -0.425  -2.196  10.832  1.00 0.00 ? 2  BGM A "H5'"  1 
HETATM 55  H  "H5''" . BGM A 1 2  ? -0.568  -0.876  9.653   1.00 0.00 ? 2  BGM A "H5''" 1 
HETATM 56  H  "H4'"  . BGM A 1 2  ? -2.983  -2.367  10.617  1.00 0.00 ? 2  BGM A "H4'"  1 
HETATM 57  H  "H1'"  . BGM A 1 2  ? -3.864  -2.265  7.359   1.00 0.00 ? 2  BGM A "H1'"  1 
HETATM 58  H  H21    . BGM A 1 2  ? 2.216   -1.912  6.411   1.00 0.00 ? 2  BGM A H21    1 
HETATM 59  H  H22    . BGM A 1 2  ? 2.829   -0.776  5.230   1.00 0.00 ? 2  BGM A H22    1 
HETATM 60  H  H1     . BGM A 1 2  ? 1.531   0.666   4.210   1.00 0.00 ? 2  BGM A H1     1 
HETATM 61  H  "H2'"  . BGM A 1 2  ? -0.830  -2.634  7.428   1.00 0.00 ? 2  BGM A "H2'"  1 
HETATM 62  H  "H2''" . BGM A 1 2  ? -2.053  -3.799  6.940   1.00 0.00 ? 2  BGM A "H2''" 1 
HETATM 63  H  "H3'"  . BGM A 1 2  ? -1.086  -3.895  9.454   1.00 0.00 ? 2  BGM A "H3'"  1 
ATOM   64  P  P      . DG  A 1 3  ? -2.819  -5.919  9.240   1.00 0.00 ? 3  DG  A P      1 
ATOM   65  O  OP1    . DG  A 1 3  ? -4.066  -6.573  9.712   1.00 0.00 ? 3  DG  A OP1    1 
ATOM   66  O  OP2    . DG  A 1 3  ? -1.544  -6.163  9.962   1.00 0.00 ? 3  DG  A OP2    1 
ATOM   67  O  "O5'"  . DG  A 1 3  ? -2.606  -6.300  7.708   1.00 0.00 ? 3  DG  A "O5'"  1 
ATOM   68  C  "C5'"  . DG  A 1 3  ? -3.620  -6.985  6.973   1.00 0.00 ? 3  DG  A "C5'"  1 
ATOM   69  C  "C4'"  . DG  A 1 3  ? -4.609  -5.995  6.403   1.00 0.00 ? 3  DG  A "C4'"  1 
ATOM   70  O  "O4'"  . DG  A 1 3  ? -3.874  -4.869  5.865   1.00 0.00 ? 3  DG  A "O4'"  1 
ATOM   71  C  "C3'"  . DG  A 1 3  ? -5.470  -6.532  5.257   1.00 0.00 ? 3  DG  A "C3'"  1 
ATOM   72  O  "O3'"  . DG  A 1 3  ? -6.819  -6.073  5.391   1.00 0.00 ? 3  DG  A "O3'"  1 
ATOM   73  C  "C2'"  . DG  A 1 3  ? -4.826  -5.943  4.015   1.00 0.00 ? 3  DG  A "C2'"  1 
ATOM   74  C  "C1'"  . DG  A 1 3  ? -4.253  -4.636  4.523   1.00 0.00 ? 3  DG  A "C1'"  1 
ATOM   75  N  N9     . DG  A 1 3  ? -3.072  -4.175  3.800   1.00 0.00 ? 3  DG  A N9     1 
ATOM   76  C  C8     . DG  A 1 3  ? -1.815  -4.725  3.841   1.00 0.00 ? 3  DG  A C8     1 
ATOM   77  N  N7     . DG  A 1 3  ? -0.956  -4.106  3.079   1.00 0.00 ? 3  DG  A N7     1 
ATOM   78  C  C5     . DG  A 1 3  ? -1.689  -3.078  2.502   1.00 0.00 ? 3  DG  A C5     1 
ATOM   79  C  C6     . DG  A 1 3  ? -1.292  -2.073  1.584   1.00 0.00 ? 3  DG  A C6     1 
ATOM   80  O  O6     . DG  A 1 3  ? -0.178  -1.882  1.082   1.00 0.00 ? 3  DG  A O6     1 
ATOM   81  N  N1     . DG  A 1 3  ? -2.350  -1.233  1.258   1.00 0.00 ? 3  DG  A N1     1 
ATOM   82  C  C2     . DG  A 1 3  ? -3.625  -1.342  1.753   1.00 0.00 ? 3  DG  A C2     1 
ATOM   83  N  N2     . DG  A 1 3  ? -4.501  -0.425  1.318   1.00 0.00 ? 3  DG  A N2     1 
ATOM   84  N  N3     . DG  A 1 3  ? -4.011  -2.275  2.608   1.00 0.00 ? 3  DG  A N3     1 
ATOM   85  C  C4     . DG  A 1 3  ? -2.997  -3.104  2.938   1.00 0.00 ? 3  DG  A C4     1 
ATOM   86  H  "H5'"  . DG  A 1 3  ? -4.146  -7.676  7.632   1.00 0.00 ? 3  DG  A "H5'"  1 
ATOM   87  H  "H5''" . DG  A 1 3  ? -3.165  -7.545  6.157   1.00 0.00 ? 3  DG  A "H5''" 1 
ATOM   88  H  "H4'"  . DG  A 1 3  ? -5.295  -5.714  7.203   1.00 0.00 ? 3  DG  A "H4'"  1 
ATOM   89  H  "H3'"  . DG  A 1 3  ? -5.463  -7.622  5.241   1.00 0.00 ? 3  DG  A "H3'"  1 
ATOM   90  H  "H2'"  . DG  A 1 3  ? -4.058  -6.604  3.614   1.00 0.00 ? 3  DG  A "H2'"  1 
ATOM   91  H  "H2''" . DG  A 1 3  ? -5.562  -5.779  3.228   1.00 0.00 ? 3  DG  A "H2''" 1 
ATOM   92  H  "H1'"  . DG  A 1 3  ? -5.003  -3.846  4.516   1.00 0.00 ? 3  DG  A "H1'"  1 
ATOM   93  H  H8     . DG  A 1 3  ? -1.564  -5.584  4.445   1.00 0.00 ? 3  DG  A H8     1 
ATOM   94  H  H1     . DG  A 1 3  ? -2.173  -0.485  0.604   1.00 0.00 ? 3  DG  A H1     1 
ATOM   95  H  H21    . DG  A 1 3  ? -4.205  0.286   0.665   1.00 0.00 ? 3  DG  A H21    1 
ATOM   96  H  H22    . DG  A 1 3  ? -5.458  -0.446  1.643   1.00 0.00 ? 3  DG  A H22    1 
ATOM   97  P  P      . DG  A 1 4  ? -8.033  -6.994  4.876   1.00 0.00 ? 4  DG  A P      1 
ATOM   98  O  OP1    . DG  A 1 4  ? -9.234  -6.623  5.666   1.00 0.00 ? 4  DG  A OP1    1 
ATOM   99  O  OP2    . DG  A 1 4  ? -7.581  -8.409  4.851   1.00 0.00 ? 4  DG  A OP2    1 
ATOM   100 O  "O5'"  . DG  A 1 4  ? -8.267  -6.520  3.373   1.00 0.00 ? 4  DG  A "O5'"  1 
ATOM   101 C  "C5'"  . DG  A 1 4  ? -8.449  -5.139  3.061   1.00 0.00 ? 4  DG  A "C5'"  1 
ATOM   102 C  "C4'"  . DG  A 1 4  ? -8.707  -4.966  1.583   1.00 0.00 ? 4  DG  A "C4'"  1 
ATOM   103 O  "O4'"  . DG  A 1 4  ? -7.537  -4.363  0.974   1.00 0.00 ? 4  DG  A "O4'"  1 
ATOM   104 C  "C3'"  . DG  A 1 4  ? -8.951  -6.266  0.812   1.00 0.00 ? 4  DG  A "C3'"  1 
ATOM   105 O  "O3'"  . DG  A 1 4  ? -9.925  -6.061  -0.218  1.00 0.00 ? 4  DG  A "O3'"  1 
ATOM   106 C  "C2'"  . DG  A 1 4  ? -7.594  -6.567  0.207   1.00 0.00 ? 4  DG  A "C2'"  1 
ATOM   107 C  "C1'"  . DG  A 1 4  ? -7.093  -5.172  -0.101  1.00 0.00 ? 4  DG  A "C1'"  1 
ATOM   108 N  N9     . DG  A 1 4  ? -5.642  -5.040  -0.200  1.00 0.00 ? 4  DG  A N9     1 
ATOM   109 C  C8     . DG  A 1 4  ? -4.692  -5.776  0.466   1.00 0.00 ? 4  DG  A C8     1 
ATOM   110 N  N7     . DG  A 1 4  ? -3.470  -5.429  0.167   1.00 0.00 ? 4  DG  A N7     1 
ATOM   111 C  C5     . DG  A 1 4  ? -3.621  -4.401  -0.754  1.00 0.00 ? 4  DG  A C5     1 
ATOM   112 C  C6     . DG  A 1 4  ? -2.647  -3.628  -1.438  1.00 0.00 ? 4  DG  A C6     1 
ATOM   113 O  O6     . DG  A 1 4  ? -1.414  -3.702  -1.365  1.00 0.00 ? 4  DG  A O6     1 
ATOM   114 N  N1     . DG  A 1 4  ? -3.236  -2.690  -2.279  1.00 0.00 ? 4  DG  A N1     1 
ATOM   115 C  C2     . DG  A 1 4  ? -4.590  -2.519  -2.444  1.00 0.00 ? 4  DG  A C2     1 
ATOM   116 N  N2     . DG  A 1 4  ? -4.968  -1.562  -3.304  1.00 0.00 ? 4  DG  A N2     1 
ATOM   117 N  N3     . DG  A 1 4  ? -5.507  -3.233  -1.813  1.00 0.00 ? 4  DG  A N3     1 
ATOM   118 C  C4     . DG  A 1 4  ? -4.957  -4.149  -0.990  1.00 0.00 ? 4  DG  A C4     1 
ATOM   119 H  "H5'"  . DG  A 1 4  ? -7.553  -4.583  3.335   1.00 0.00 ? 4  DG  A "H5'"  1 
ATOM   120 H  "H5''" . DG  A 1 4  ? -9.298  -4.747  3.623   1.00 0.00 ? 4  DG  A "H5''" 1 
ATOM   121 H  "H4'"  . DG  A 1 4  ? -9.609  -4.362  1.471   1.00 0.00 ? 4  DG  A "H4'"  1 
ATOM   122 H  "H3'"  . DG  A 1 4  ? -9.290  -7.061  1.475   1.00 0.00 ? 4  DG  A "H3'"  1 
ATOM   123 H  "H2'"  . DG  A 1 4  ? -6.954  -7.091  0.916   1.00 0.00 ? 4  DG  A "H2'"  1 
ATOM   124 H  "H2''" . DG  A 1 4  ? -7.682  -7.196  -0.679  1.00 0.00 ? 4  DG  A "H2''" 1 
ATOM   125 H  "H1'"  . DG  A 1 4  ? -7.542  -4.789  -1.018  1.00 0.00 ? 4  DG  A "H1'"  1 
ATOM   126 H  H8     . DG  A 1 4  ? -4.930  -6.563  1.164   1.00 0.00 ? 4  DG  A H8     1 
ATOM   127 H  H1     . DG  A 1 4  ? -2.611  -2.093  -2.805  1.00 0.00 ? 4  DG  A H1     1 
ATOM   128 H  H21    . DG  A 1 4  ? -4.275  -1.013  -3.790  1.00 0.00 ? 4  DG  A H21    1 
ATOM   129 H  H22    . DG  A 1 4  ? -5.950  -1.390  -3.466  1.00 0.00 ? 4  DG  A H22    1 
ATOM   130 P  P      . DT  A 1 5  ? -11.462 -5.808  0.176   1.00 0.00 ? 5  DT  A P      1 
ATOM   131 O  OP1    . DT  A 1 5  ? -11.805 -6.760  1.264   1.00 0.00 ? 5  DT  A OP1    1 
ATOM   132 O  OP2    . DT  A 1 5  ? -12.265 -5.802  -1.073  1.00 0.00 ? 5  DT  A OP2    1 
ATOM   133 O  "O5'"  . DT  A 1 5  ? -11.466 -4.336  0.786   1.00 0.00 ? 5  DT  A "O5'"  1 
ATOM   134 C  "C5'"  . DT  A 1 5  ? -12.542 -3.433  0.528   1.00 0.00 ? 5  DT  A "C5'"  1 
ATOM   135 C  "C4'"  . DT  A 1 5  ? -13.241 -3.074  1.821   1.00 0.00 ? 5  DT  A "C4'"  1 
ATOM   136 O  "O4'"  . DT  A 1 5  ? -12.341 -3.351  2.922   1.00 0.00 ? 5  DT  A "O4'"  1 
ATOM   137 C  "C3'"  . DT  A 1 5  ? -13.632 -1.603  1.966   1.00 0.00 ? 5  DT  A "C3'"  1 
ATOM   138 O  "O3'"  . DT  A 1 5  ? -14.858 -1.481  2.693   1.00 0.00 ? 5  DT  A "O3'"  1 
ATOM   139 C  "C2'"  . DT  A 1 5  ? -12.482 -1.018  2.763   1.00 0.00 ? 5  DT  A "C2'"  1 
ATOM   140 C  "C1'"  . DT  A 1 5  ? -12.140 -2.173  3.686   1.00 0.00 ? 5  DT  A "C1'"  1 
ATOM   141 N  N1     . DT  A 1 5  ? -10.751 -2.185  4.186   1.00 0.00 ? 5  DT  A N1     1 
ATOM   142 C  C2     . DT  A 1 5  ? -10.552 -2.258  5.547   1.00 0.00 ? 5  DT  A C2     1 
ATOM   143 O  O2     . DT  A 1 5  ? -11.468 -2.311  6.351   1.00 0.00 ? 5  DT  A O2     1 
ATOM   144 N  N3     . DT  A 1 5  ? -9.237  -2.267  5.935   1.00 0.00 ? 5  DT  A N3     1 
ATOM   145 C  C4     . DT  A 1 5  ? -8.128  -2.210  5.119   1.00 0.00 ? 5  DT  A C4     1 
ATOM   146 O  O4     . DT  A 1 5  ? -7.004  -2.248  5.611   1.00 0.00 ? 5  DT  A O4     1 
ATOM   147 C  C5     . DT  A 1 5  ? -8.407  -2.130  3.703   1.00 0.00 ? 5  DT  A C5     1 
ATOM   148 C  C7     . DT  A 1 5  ? -7.261  -2.034  2.746   1.00 0.00 ? 5  DT  A C7     1 
ATOM   149 C  C6     . DT  A 1 5  ? -9.687  -2.126  3.307   1.00 0.00 ? 5  DT  A C6     1 
ATOM   150 H  "H5'"  . DT  A 1 5  ? -13.260 -3.897  -0.149  1.00 0.00 ? 5  DT  A "H5'"  1 
ATOM   151 H  "H5''" . DT  A 1 5  ? -12.154 -2.524  0.067   1.00 0.00 ? 5  DT  A "H5''" 1 
ATOM   152 H  "H4'"  . DT  A 1 5  ? -14.166 -3.651  1.868   1.00 0.00 ? 5  DT  A "H4'"  1 
ATOM   153 H  "H3'"  . DT  A 1 5  ? -13.741 -1.124  0.992   1.00 0.00 ? 5  DT  A "H3'"  1 
ATOM   154 H  "H2'"  . DT  A 1 5  ? -11.651 -0.746  2.114   1.00 0.00 ? 5  DT  A "H2'"  1 
ATOM   155 H  "H2''" . DT  A 1 5  ? -12.787 -0.119  3.296   1.00 0.00 ? 5  DT  A "H2''" 1 
ATOM   156 H  "H1'"  . DT  A 1 5  ? -12.821 -2.206  4.538   1.00 0.00 ? 5  DT  A "H1'"  1 
ATOM   157 H  H3     . DT  A 1 5  ? -9.062  -2.320  6.929   1.00 0.00 ? 5  DT  A H3     1 
ATOM   158 H  H71    . DT  A 1 5  ? -7.554  -2.457  1.783   1.00 0.00 ? 5  DT  A H71    1 
ATOM   159 H  H72    . DT  A 1 5  ? -6.984  -0.989  2.613   1.00 0.00 ? 5  DT  A H72    1 
ATOM   160 H  H73    . DT  A 1 5  ? -6.409  -2.587  3.140   1.00 0.00 ? 5  DT  A H73    1 
ATOM   161 H  H6     . DT  A 1 5  ? -9.899  -2.078  2.239   1.00 0.00 ? 5  DT  A H6     1 
ATOM   162 P  P      . DT  A 1 6  ? -15.440 -0.021  3.037   1.00 0.00 ? 6  DT  A P      1 
ATOM   163 O  OP1    . DT  A 1 6  ? -16.769 -0.212  3.670   1.00 0.00 ? 6  DT  A OP1    1 
ATOM   164 O  OP2    . DT  A 1 6  ? -15.319 0.825   1.824   1.00 0.00 ? 6  DT  A OP2    1 
ATOM   165 O  "O5'"  . DT  A 1 6  ? -14.442 0.545   4.144   1.00 0.00 ? 6  DT  A "O5'"  1 
ATOM   166 C  "C5'"  . DT  A 1 6  ? -14.403 1.939   4.449   1.00 0.00 ? 6  DT  A "C5'"  1 
ATOM   167 C  "C4'"  . DT  A 1 6  ? -13.783 2.162   5.808   1.00 0.00 ? 6  DT  A "C4'"  1 
ATOM   168 O  "O4'"  . DT  A 1 6  ? -14.352 1.198   6.724   1.00 0.00 ? 6  DT  A "O4'"  1 
ATOM   169 C  "C3'"  . DT  A 1 6  ? -12.270 1.948   5.869   1.00 0.00 ? 6  DT  A "C3'"  1 
ATOM   170 O  "O3'"  . DT  A 1 6  ? -11.686 2.836   6.828   1.00 0.00 ? 6  DT  A "O3'"  1 
ATOM   171 C  "C2'"  . DT  A 1 6  ? -12.148 0.506   6.325   1.00 0.00 ? 6  DT  A "C2'"  1 
ATOM   172 C  "C1'"  . DT  A 1 6  ? -13.327 0.383   7.270   1.00 0.00 ? 6  DT  A "C1'"  1 
ATOM   173 N  N1     . DT  A 1 6  ? -13.859 -0.982  7.383   1.00 0.00 ? 6  DT  A N1     1 
ATOM   174 C  C2     . DT  A 1 6  ? -13.583 -1.721  8.510   1.00 0.00 ? 6  DT  A C2     1 
ATOM   175 O  O2     . DT  A 1 6  ? -12.914 -1.297  9.438   1.00 0.00 ? 6  DT  A O2     1 
ATOM   176 N  N3     . DT  A 1 6  ? -14.121 -2.983  8.510   1.00 0.00 ? 6  DT  A N3     1 
ATOM   177 C  C4     . DT  A 1 6  ? -14.889 -3.561  7.519   1.00 0.00 ? 6  DT  A C4     1 
ATOM   178 O  O4     . DT  A 1 6  ? -15.302 -4.709  7.656   1.00 0.00 ? 6  DT  A O4     1 
ATOM   179 C  C5     . DT  A 1 6  ? -15.139 -2.725  6.366   1.00 0.00 ? 6  DT  A C5     1 
ATOM   180 C  C7     . DT  A 1 6  ? -15.945 -3.275  5.234   1.00 0.00 ? 6  DT  A C7     1 
ATOM   181 C  C6     . DT  A 1 6  ? -14.622 -1.489  6.354   1.00 0.00 ? 6  DT  A C6     1 
ATOM   182 H  "H5'"  . DT  A 1 6  ? -15.417 2.340   4.451   1.00 0.00 ? 6  DT  A "H5'"  1 
ATOM   183 H  "H5''" . DT  A 1 6  ? -13.814 2.461   3.697   1.00 0.00 ? 6  DT  A "H5''" 1 
ATOM   184 H  "H4'"  . DT  A 1 6  ? -13.970 3.196   6.097   1.00 0.00 ? 6  DT  A "H4'"  1 
ATOM   185 H  "H3'"  . DT  A 1 6  ? -11.807 2.111   4.896   1.00 0.00 ? 6  DT  A "H3'"  1 
ATOM   186 H  "H2'"  . DT  A 1 6  ? -12.221 -0.182  5.484   1.00 0.00 ? 6  DT  A "H2'"  1 
ATOM   187 H  "H2''" . DT  A 1 6  ? -11.196 0.321   6.818   1.00 0.00 ? 6  DT  A "H2''" 1 
ATOM   188 H  "H1'"  . DT  A 1 6  ? -13.081 0.756   8.264   1.00 0.00 ? 6  DT  A "H1'"  1 
ATOM   189 H  H3     . DT  A 1 6  ? -13.937 -3.551  9.325   1.00 0.00 ? 6  DT  A H3     1 
ATOM   190 H  H71    . DT  A 1 6  ? -16.722 -3.931  5.626   1.00 0.00 ? 6  DT  A H71    1 
ATOM   191 H  H72    . DT  A 1 6  ? -16.406 -2.455  4.682   1.00 0.00 ? 6  DT  A H72    1 
ATOM   192 H  H73    . DT  A 1 6  ? -15.296 -3.841  4.566   1.00 0.00 ? 6  DT  A H73    1 
ATOM   193 H  H6     . DT  A 1 6  ? -14.814 -0.851  5.487   1.00 0.00 ? 6  DT  A H6     1 
ATOM   194 P  P      . DA  A 1 7  ? -10.134 2.684   7.217   1.00 0.00 ? 7  DA  A P      1 
ATOM   195 O  OP1    . DA  A 1 7  ? -10.049 1.708   8.334   1.00 0.00 ? 7  DA  A OP1    1 
ATOM   196 O  OP2    . DA  A 1 7  ? -9.563  4.044   7.387   1.00 0.00 ? 7  DA  A OP2    1 
ATOM   197 O  "O5'"  . DA  A 1 7  ? -9.482  2.018   5.925   1.00 0.00 ? 7  DA  A "O5'"  1 
ATOM   198 C  "C5'"  . DA  A 1 7  ? -8.143  1.521   5.949   1.00 0.00 ? 7  DA  A "C5'"  1 
ATOM   199 C  "C4'"  . DA  A 1 7  ? -7.278  2.309   4.993   1.00 0.00 ? 7  DA  A "C4'"  1 
ATOM   200 O  "O4'"  . DA  A 1 7  ? -7.100  1.542   3.776   1.00 0.00 ? 7  DA  A "O4'"  1 
ATOM   201 C  "C3'"  . DA  A 1 7  ? -7.867  3.648   4.551   1.00 0.00 ? 7  DA  A "C3'"  1 
ATOM   202 O  "O3'"  . DA  A 1 7  ? -6.824  4.603   4.330   1.00 0.00 ? 7  DA  A "O3'"  1 
ATOM   203 C  "C2'"  . DA  A 1 7  ? -8.564  3.299   3.251   1.00 0.00 ? 7  DA  A "C2'"  1 
ATOM   204 C  "C1'"  . DA  A 1 7  ? -7.634  2.254   2.669   1.00 0.00 ? 7  DA  A "C1'"  1 
ATOM   205 N  N9     . DA  A 1 7  ? -8.270  1.286   1.774   1.00 0.00 ? 7  DA  A N9     1 
ATOM   206 C  C8     . DA  A 1 7  ? -9.555  0.801   1.800   1.00 0.00 ? 7  DA  A C8     1 
ATOM   207 N  N7     . DA  A 1 7  ? -9.812  -0.064  0.850   1.00 0.00 ? 7  DA  A N7     1 
ATOM   208 C  C5     . DA  A 1 7  ? -8.617  -0.158  0.151   1.00 0.00 ? 7  DA  A C5     1 
ATOM   209 C  C6     . DA  A 1 7  ? -8.232  -0.912  -0.971  1.00 0.00 ? 7  DA  A C6     1 
ATOM   210 N  N6     . DA  A 1 7  ? -9.047  -1.751  -1.615  1.00 0.00 ? 7  DA  A N6     1 
ATOM   211 N  N1     . DA  A 1 7  ? -6.963  -0.775  -1.415  1.00 0.00 ? 7  DA  A N1     1 
ATOM   212 C  C2     . DA  A 1 7  ? -6.145  0.067   -0.769  1.00 0.00 ? 7  DA  A C2     1 
ATOM   213 N  N3     . DA  A 1 7  ? -6.392  0.831   0.292   1.00 0.00 ? 7  DA  A N3     1 
ATOM   214 C  C4     . DA  A 1 7  ? -7.659  0.669   0.709   1.00 0.00 ? 7  DA  A C4     1 
ATOM   215 H  "H5'"  . DA  A 1 7  ? -8.137  0.472   5.652   1.00 0.00 ? 7  DA  A "H5'"  1 
ATOM   216 H  "H5''" . DA  A 1 7  ? -7.736  1.609   6.956   1.00 0.00 ? 7  DA  A "H5''" 1 
ATOM   217 H  "H4'"  . DA  A 1 7  ? -6.339  2.534   5.502   1.00 0.00 ? 7  DA  A "H4'"  1 
ATOM   218 H  "H3'"  . DA  A 1 7  ? -8.561  4.039   5.294   1.00 0.00 ? 7  DA  A "H3'"  1 
ATOM   219 H  "H2'"  . DA  A 1 7  ? -9.558  2.907   3.436   1.00 0.00 ? 7  DA  A "H2'"  1 
ATOM   220 H  "H2''" . DA  A 1 7  ? -8.670  4.174   2.609   1.00 0.00 ? 7  DA  A "H2''" 1 
ATOM   221 H  "H1'"  . DA  A 1 7  ? -6.807  2.725   2.138   1.00 0.00 ? 7  DA  A "H1'"  1 
ATOM   222 H  H8     . DA  A 1 7  ? -10.285 1.103   2.536   1.00 0.00 ? 7  DA  A H8     1 
ATOM   223 H  H61    . DA  A 1 7  ? -10.000 -1.871  -1.300  1.00 0.00 ? 7  DA  A H61    1 
ATOM   224 H  H62    . DA  A 1 7  ? -8.710  -2.266  -2.417  1.00 0.00 ? 7  DA  A H62    1 
ATOM   225 H  H2     . DA  A 1 7  ? -5.131  0.131   -1.164  1.00 0.00 ? 7  DA  A H2     1 
HETATM 226 P  P      . BGM A 1 8  ? -7.172  6.171   4.304   1.00 0.00 ? 8  BGM A P      1 
HETATM 227 O  OP1    . BGM A 1 8  ? -5.889  6.912   4.408   1.00 0.00 ? 8  BGM A OP1    1 
HETATM 228 O  OP2    . BGM A 1 8  ? -8.249  6.426   5.295   1.00 0.00 ? 8  BGM A OP2    1 
HETATM 229 O  "O5'"  . BGM A 1 8  ? -7.768  6.407   2.846   1.00 0.00 ? 8  BGM A "O5'"  1 
HETATM 230 C  "C5'"  . BGM A 1 8  ? -7.587  7.652   2.171   1.00 0.00 ? 8  BGM A "C5'"  1 
HETATM 231 C  "C4'"  . BGM A 1 8  ? -7.323  7.412   0.701   1.00 0.00 ? 8  BGM A "C4'"  1 
HETATM 232 O  "O4'"  . BGM A 1 8  ? -5.902  7.217   0.518   1.00 0.00 ? 8  BGM A "O4'"  1 
HETATM 233 C  "C1'"  . BGM A 1 8  ? -5.699  6.215   -0.451  1.00 0.00 ? 8  BGM A "C1'"  1 
HETATM 234 N  N9     . BGM A 1 8  ? -4.388  5.617   -0.218  1.00 0.00 ? 8  BGM A N9     1 
HETATM 235 C  C8     . BGM A 1 8  ? -3.237  5.828   -0.940  1.00 0.00 ? 8  BGM A C8     1 
HETATM 236 N  N7     . BGM A 1 8  ? -2.224  5.134   -0.504  1.00 0.00 ? 8  BGM A N7     1 
HETATM 237 C  C5     . BGM A 1 8  ? -2.730  4.427   0.577   1.00 0.00 ? 8  BGM A C5     1 
HETATM 238 C  C4     . BGM A 1 8  ? -4.065  4.717   0.770   1.00 0.00 ? 8  BGM A C4     1 
HETATM 239 N  N3     . BGM A 1 8  ? -4.903  4.237   1.714   1.00 0.00 ? 8  BGM A N3     1 
HETATM 240 C  C2     . BGM A 1 8  ? -4.297  3.381   2.521   1.00 0.00 ? 8  BGM A C2     1 
HETATM 241 N  N2     . BGM A 1 8  ? -4.968  2.815   3.531   1.00 0.00 ? 8  BGM A N2     1 
HETATM 242 N  N1     . BGM A 1 8  ? -2.984  3.018   2.406   1.00 0.00 ? 8  BGM A N1     1 
HETATM 243 C  C6     . BGM A 1 8  ? -2.098  3.506   1.449   1.00 0.00 ? 8  BGM A C6     1 
HETATM 244 O  O6     . BGM A 1 8  ? -0.919  3.125   1.447   1.00 0.00 ? 8  BGM A O6     1 
HETATM 245 C  "C2'"  . BGM A 1 8  ? -6.865  5.263   -0.299  1.00 0.00 ? 8  BGM A "C2'"  1 
HETATM 246 C  "C3'"  . BGM A 1 8  ? -8.011  6.173   0.115   1.00 0.00 ? 8  BGM A "C3'"  1 
HETATM 247 O  "O3'"  . BGM A 1 8  ? -8.813  6.537   -1.018  1.00 0.00 ? 8  BGM A "O3'"  1 
HETATM 248 BR BR     . BGM A 1 8  ? -3.117  7.034   -2.424  1.00 0.00 ? 8  BGM A BR     1 
HETATM 249 H  "H5'"  . BGM A 1 8  ? -6.739  8.185   2.603   1.00 0.00 ? 8  BGM A "H5'"  1 
HETATM 250 H  "H5''" . BGM A 1 8  ? -8.484  8.262   2.279   1.00 0.00 ? 8  BGM A "H5''" 1 
HETATM 251 H  "H4'"  . BGM A 1 8  ? -7.712  8.271   0.154   1.00 0.00 ? 8  BGM A "H4'"  1 
HETATM 252 H  "H1'"  . BGM A 1 8  ? -5.701  6.688   -1.433  1.00 0.00 ? 8  BGM A "H1'"  1 
HETATM 253 H  H21    . BGM A 1 8  ? -5.937  3.044   3.675   1.00 0.00 ? 8  BGM A H21    1 
HETATM 254 H  H22    . BGM A 1 8  ? -4.501  2.157   4.143   1.00 0.00 ? 8  BGM A H22    1 
HETATM 255 H  H1     . BGM A 1 8  ? -2.678  2.337   3.081   1.00 0.00 ? 8  BGM A H1     1 
HETATM 256 H  "H2'"  . BGM A 1 8  ? -6.677  4.495   0.451   1.00 0.00 ? 8  BGM A "H2'"  1 
HETATM 257 H  "H2''" . BGM A 1 8  ? -7.081  4.756   -1.240  1.00 0.00 ? 8  BGM A "H2''" 1 
HETATM 258 H  "H3'"  . BGM A 1 8  ? -8.650  5.698   0.858   1.00 0.00 ? 8  BGM A "H3'"  1 
ATOM   259 P  P      . DG  A 1 9  ? -8.115  7.062   -2.370  1.00 0.00 ? 9  DG  A P      1 
ATOM   260 O  OP1    . DG  A 1 9  ? -7.355  8.296   -2.046  1.00 0.00 ? 9  DG  A OP1    1 
ATOM   261 O  OP2    . DG  A 1 9  ? -9.152  7.100   -3.432  1.00 0.00 ? 9  DG  A OP2    1 
ATOM   262 O  "O5'"  . DG  A 1 9  ? -7.063  5.924   -2.739  1.00 0.00 ? 9  DG  A "O5'"  1 
ATOM   263 C  "C5'"  . DG  A 1 9  ? -7.267  5.068   -3.863  1.00 0.00 ? 9  DG  A "C5'"  1 
ATOM   264 C  "C4'"  . DG  A 1 9  ? -5.936  4.611   -4.414  1.00 0.00 ? 9  DG  A "C4'"  1 
ATOM   265 O  "O4'"  . DG  A 1 9  ? -5.019  4.417   -3.319  1.00 0.00 ? 9  DG  A "O4'"  1 
ATOM   266 C  "C3'"  . DG  A 1 9  ? -5.960  3.274   -5.161  1.00 0.00 ? 9  DG  A "C3'"  1 
ATOM   267 O  "O3'"  . DG  A 1 9  ? -5.968  3.480   -6.582  1.00 0.00 ? 9  DG  A "O3'"  1 
ATOM   268 C  "C2'"  . DG  A 1 9  ? -4.677  2.574   -4.724  1.00 0.00 ? 9  DG  A "C2'"  1 
ATOM   269 C  "C1'"  . DG  A 1 9  ? -4.006  3.543   -3.764  1.00 0.00 ? 9  DG  A "C1'"  1 
ATOM   270 N  N9     . DG  A 1 9  ? -3.414  2.903   -2.595  1.00 0.00 ? 9  DG  A N9     1 
ATOM   271 C  C8     . DG  A 1 9  ? -4.068  2.485   -1.465  1.00 0.00 ? 9  DG  A C8     1 
ATOM   272 N  N7     . DG  A 1 9  ? -3.279  1.923   -0.589  1.00 0.00 ? 9  DG  A N7     1 
ATOM   273 C  C5     . DG  A 1 9  ? -2.022  1.982   -1.176  1.00 0.00 ? 9  DG  A C5     1 
ATOM   274 C  C6     . DG  A 1 9  ? -0.760  1.531   -0.704  1.00 0.00 ? 9  DG  A C6     1 
ATOM   275 O  O6     . DG  A 1 9  ? -0.491  0.972   0.366   1.00 0.00 ? 9  DG  A O6     1 
ATOM   276 N  N1     . DG  A 1 9  ? 0.253   1.791   -1.621  1.00 0.00 ? 9  DG  A N1     1 
ATOM   277 C  C2     . DG  A 1 9  ? 0.080   2.409   -2.834  1.00 0.00 ? 9  DG  A C2     1 
ATOM   278 N  N2     . DG  A 1 9  ? 1.185   2.577   -3.575  1.00 0.00 ? 9  DG  A N2     1 
ATOM   279 N  N3     . DG  A 1 9  ? -1.089  2.833   -3.288  1.00 0.00 ? 9  DG  A N3     1 
ATOM   280 C  C4     . DG  A 1 9  ? -2.088  2.589   -2.414  1.00 0.00 ? 9  DG  A C4     1 
ATOM   281 H  "H5'"  . DG  A 1 9  ? -7.811  5.605   -4.640  1.00 0.00 ? 9  DG  A "H5'"  1 
ATOM   282 H  "H5''" . DG  A 1 9  ? -7.848  4.197   -3.557  1.00 0.00 ? 9  DG  A "H5''" 1 
ATOM   283 H  "H4'"  . DG  A 1 9  ? -5.598  5.364   -5.124  1.00 0.00 ? 9  DG  A "H4'"  1 
ATOM   284 H  "H3'"  . DG  A 1 9  ? -6.842  2.695   -4.887  1.00 0.00 ? 9  DG  A "H3'"  1 
ATOM   285 H  "H2'"  . DG  A 1 9  ? -4.892  1.613   -4.256  1.00 0.00 ? 9  DG  A "H2'"  1 
ATOM   286 H  "H2''" . DG  A 1 9  ? -4.021  2.385   -5.571  1.00 0.00 ? 9  DG  A "H2''" 1 
ATOM   287 H  "H1'"  . DG  A 1 9  ? -3.241  4.136   -4.265  1.00 0.00 ? 9  DG  A "H1'"  1 
ATOM   288 H  H8     . DG  A 1 9  ? -5.130  2.612   -1.316  1.00 0.00 ? 9  DG  A H8     1 
ATOM   289 H  H1     . DG  A 1 9  ? 1.190   1.503   -1.374  1.00 0.00 ? 9  DG  A H1     1 
ATOM   290 H  H21    . DG  A 1 9  ? 2.076   2.255   -3.226  1.00 0.00 ? 9  DG  A H21    1 
ATOM   291 H  H22    . DG  A 1 9  ? 1.127   3.026   -4.477  1.00 0.00 ? 9  DG  A H22    1 
ATOM   292 P  P      . DG  A 1 10 ? -4.937  4.515   -7.255  1.00 0.00 ? 10 DG  A P      1 
ATOM   293 O  OP1    . DG  A 1 10 ? -3.676  4.487   -6.474  1.00 0.00 ? 10 DG  A OP1    1 
ATOM   294 O  OP2    . DG  A 1 10 ? -5.645  5.805   -7.458  1.00 0.00 ? 10 DG  A OP2    1 
ATOM   295 O  "O5'"  . DG  A 1 10 ? -4.639  3.885   -8.687  1.00 0.00 ? 10 DG  A "O5'"  1 
ATOM   296 C  "C5'"  . DG  A 1 10 ? -4.741  2.478   -8.908  1.00 0.00 ? 10 DG  A "C5'"  1 
ATOM   297 C  "C4'"  . DG  A 1 10 ? -3.401  1.917   -9.322  1.00 0.00 ? 10 DG  A "C4'"  1 
ATOM   298 O  "O4'"  . DG  A 1 10 ? -2.563  1.792   -8.143  1.00 0.00 ? 10 DG  A "O4'"  1 
ATOM   299 C  "C3'"  . DG  A 1 10 ? -3.453  0.523   -9.952  1.00 0.00 ? 10 DG  A "C3'"  1 
ATOM   300 O  "O3'"  . DG  A 1 10 ? -2.479  0.405   -10.993 1.00 0.00 ? 10 DG  A "O3'"  1 
ATOM   301 C  "C2'"  . DG  A 1 10 ? -3.102  -0.388  -8.793  1.00 0.00 ? 10 DG  A "C2'"  1 
ATOM   302 C  "C1'"  . DG  A 1 10 ? -2.102  0.456   -8.034  1.00 0.00 ? 10 DG  A "C1'"  1 
ATOM   303 N  N9     . DG  A 1 10 ? -2.007  0.111   -6.621  1.00 0.00 ? 10 DG  A N9     1 
ATOM   304 C  C8     . DG  A 1 10 ? -3.051  -0.064  -5.752  1.00 0.00 ? 10 DG  A C8     1 
ATOM   305 N  N7     . DG  A 1 10 ? -2.672  -0.424  -4.557  1.00 0.00 ? 10 DG  A N7     1 
ATOM   306 C  C5     . DG  A 1 10 ? -1.287  -0.478  -4.640  1.00 0.00 ? 10 DG  A C5     1 
ATOM   307 C  C6     . DG  A 1 10 ? -0.322  -0.817  -3.660  1.00 0.00 ? 10 DG  A C6     1 
ATOM   308 O  O6     . DG  A 1 10 ? -0.505  -1.153  -2.484  1.00 0.00 ? 10 DG  A O6     1 
ATOM   309 N  N1     . DG  A 1 10 ? 0.973   -0.741  -4.168  1.00 0.00 ? 10 DG  A N1     1 
ATOM   310 C  C2     . DG  A 1 10 ? 1.294   -0.377  -5.453  1.00 0.00 ? 10 DG  A C2     1 
ATOM   311 N  N2     . DG  A 1 10 ? 2.603   -0.352  -5.750  1.00 0.00 ? 10 DG  A N2     1 
ATOM   312 N  N3     . DG  A 1 10 ? 0.402   -0.063  -6.377  1.00 0.00 ? 10 DG  A N3     1 
ATOM   313 C  C4     . DG  A 1 10 ? -0.860  -0.135  -5.906  1.00 0.00 ? 10 DG  A C4     1 
ATOM   314 H  "H5'"  . DG  A 1 10 ? -5.469  2.283   -9.695  1.00 0.00 ? 10 DG  A "H5'"  1 
ATOM   315 H  "H5''" . DG  A 1 10 ? -5.066  1.985   -7.990  1.00 0.00 ? 10 DG  A "H5''" 1 
ATOM   316 H  "H4'"  . DG  A 1 10 ? -2.984  2.586   -10.076 1.00 0.00 ? 10 DG  A "H4'"  1 
ATOM   317 H  "H3'"  . DG  A 1 10 ? -4.441  0.309   -10.357 1.00 0.00 ? 10 DG  A "H3'"  1 
ATOM   318 H  "H2'"  . DG  A 1 10 ? -3.980  -0.627  -8.194  1.00 0.00 ? 10 DG  A "H2'"  1 
ATOM   319 H  "H2''" . DG  A 1 10 ? -2.677  -1.327  -9.137  1.00 0.00 ? 10 DG  A "H2''" 1 
ATOM   320 H  "H1'"  . DG  A 1 10 ? -1.110  0.397   -8.482  1.00 0.00 ? 10 DG  A "H1'"  1 
ATOM   321 H  H8     . DG  A 1 10 ? -4.084  0.078   -6.032  1.00 0.00 ? 10 DG  A H8     1 
ATOM   322 H  H1     . DG  A 1 10 ? 1.739   -0.974  -3.553  1.00 0.00 ? 10 DG  A H1     1 
ATOM   323 H  H21    . DG  A 1 10 ? 3.286   -0.594  -5.047  1.00 0.00 ? 10 DG  A H21    1 
ATOM   324 H  H22    . DG  A 1 10 ? 2.904   -0.091  -6.678  1.00 0.00 ? 10 DG  A H22    1 
ATOM   325 P  P      . DT  A 1 11 ? -2.512  -0.868  -11.976 1.00 0.00 ? 11 DT  A P      1 
ATOM   326 O  OP1    . DT  A 1 11 ? -1.459  -0.663  -13.004 1.00 0.00 ? 11 DT  A OP1    1 
ATOM   327 O  OP2    . DT  A 1 11 ? -3.917  -1.093  -12.400 1.00 0.00 ? 11 DT  A OP2    1 
ATOM   328 O  "O5'"  . DT  A 1 11 ? -2.068  -2.087  -11.051 1.00 0.00 ? 11 DT  A "O5'"  1 
ATOM   329 C  "C5'"  . DT  A 1 11 ? -0.697  -2.291  -10.709 1.00 0.00 ? 11 DT  A "C5'"  1 
ATOM   330 C  "C4'"  . DT  A 1 11 ? -0.371  -3.766  -10.708 1.00 0.00 ? 11 DT  A "C4'"  1 
ATOM   331 O  "O4'"  . DT  A 1 11 ? -1.184  -4.419  -9.704  1.00 0.00 ? 11 DT  A "O4'"  1 
ATOM   332 C  "C3'"  . DT  A 1 11 ? -0.644  -4.500  -12.024 1.00 0.00 ? 11 DT  A "C3'"  1 
ATOM   333 O  "O3'"  . DT  A 1 11 ? 0.424   -5.413  -12.290 1.00 0.00 ? 11 DT  A "O3'"  1 
ATOM   334 C  "C2'"  . DT  A 1 11 ? -1.945  -5.237  -11.761 1.00 0.00 ? 11 DT  A "C2'"  1 
ATOM   335 C  "C1'"  . DT  A 1 11 ? -1.886  -5.508  -10.273 1.00 0.00 ? 11 DT  A "C1'"  1 
ATOM   336 N  N1     . DT  A 1 11 ? -3.201  -5.585  -9.613  1.00 0.00 ? 11 DT  A N1     1 
ATOM   337 C  C2     . DT  A 1 11 ? -3.759  -6.823  -9.384  1.00 0.00 ? 11 DT  A C2     1 
ATOM   338 O  O2     . DT  A 1 11 ? -3.214  -7.868  -9.701  1.00 0.00 ? 11 DT  A O2     1 
ATOM   339 N  N3     . DT  A 1 11 ? -4.982  -6.792  -8.765  1.00 0.00 ? 11 DT  A N3     1 
ATOM   340 C  C4     . DT  A 1 11 ? -5.686  -5.674  -8.364  1.00 0.00 ? 11 DT  A C4     1 
ATOM   341 O  O4     . DT  A 1 11 ? -6.779  -5.801  -7.820  1.00 0.00 ? 11 DT  A O4     1 
ATOM   342 C  C5     . DT  A 1 11 ? -5.042  -4.409  -8.638  1.00 0.00 ? 11 DT  A C5     1 
ATOM   343 C  C7     . DT  A 1 11 ? -5.730  -3.142  -8.239  1.00 0.00 ? 11 DT  A C7     1 
ATOM   344 C  C6     . DT  A 1 11 ? -3.846  -4.424  -9.241  1.00 0.00 ? 11 DT  A C6     1 
ATOM   345 H  "H5'"  . DT  A 1 11 ? -0.502  -1.884  -9.717  1.00 0.00 ? 11 DT  A "H5'"  1 
ATOM   346 H  "H5''" . DT  A 1 11 ? -0.058  -1.787  -11.434 1.00 0.00 ? 11 DT  A "H5''" 1 
ATOM   347 H  "H4'"  . DT  A 1 11 ? 0.698   -3.863  -10.517 1.00 0.00 ? 11 DT  A "H4'"  1 
ATOM   348 H  "H3'"  . DT  A 1 11 ? -0.731  -3.800  -12.854 1.00 0.00 ? 11 DT  A "H3'"  1 
ATOM   349 H  "H2'"  . DT  A 1 11 ? -2.809  -4.632  -12.038 1.00 0.00 ? 11 DT  A "H2'"  1 
ATOM   350 H  "H2''" . DT  A 1 11 ? -1.999  -6.167  -12.329 1.00 0.00 ? 11 DT  A "H2''" 1 
ATOM   351 H  "H1'"  . DT  A 1 11 ? -1.327  -6.422  -10.060 1.00 0.00 ? 11 DT  A "H1'"  1 
ATOM   352 H  H3     . DT  A 1 11 ? -5.414  -7.686  -8.583  1.00 0.00 ? 11 DT  A H3     1 
ATOM   353 H  H71    . DT  A 1 11 ? -6.808  -3.273  -8.316  1.00 0.00 ? 11 DT  A H71    1 
ATOM   354 H  H72    . DT  A 1 11 ? -5.466  -2.892  -7.211  1.00 0.00 ? 11 DT  A H72    1 
ATOM   355 H  H73    . DT  A 1 11 ? -5.414  -2.333  -8.899  1.00 0.00 ? 11 DT  A H73    1 
ATOM   356 H  H6     . DT  A 1 11 ? -3.359  -3.473  -9.449  1.00 0.00 ? 11 DT  A H6     1 
ATOM   357 P  P      . DT  A 1 12 ? 0.483   -6.194  -13.693 1.00 0.00 ? 12 DT  A P      1 
ATOM   358 O  OP1    . DT  A 1 12 ? 1.603   -5.607  -14.473 1.00 0.00 ? 12 DT  A OP1    1 
ATOM   359 O  OP2    . DT  A 1 12 ? -0.879  -6.232  -14.283 1.00 0.00 ? 12 DT  A OP2    1 
ATOM   360 O  "O5'"  . DT  A 1 12 ? 0.897   -7.677  -13.282 1.00 0.00 ? 12 DT  A "O5'"  1 
ATOM   361 C  "C5'"  . DT  A 1 12 ? 0.889   -8.089  -11.913 1.00 0.00 ? 12 DT  A "C5'"  1 
ATOM   362 C  "C4'"  . DT  A 1 12 ? 1.897   -7.291  -11.119 1.00 0.00 ? 12 DT  A "C4'"  1 
ATOM   363 O  "O4'"  . DT  A 1 12 ? 1.214   -6.228  -10.430 1.00 0.00 ? 12 DT  A "O4'"  1 
ATOM   364 C  "C3'"  . DT  A 1 12 ? 2.640   -8.063  -10.026 1.00 0.00 ? 12 DT  A "C3'"  1 
ATOM   365 O  "O3'"  . DT  A 1 12 ? 3.948   -8.437  -10.483 1.00 0.00 ? 12 DT  A "O3'"  1 
ATOM   366 C  "C2'"  . DT  A 1 12 ? 2.718   -7.085  -8.856  1.00 0.00 ? 12 DT  A "C2'"  1 
ATOM   367 C  "C1'"  . DT  A 1 12 ? 2.031   -5.822  -9.359  1.00 0.00 ? 12 DT  A "C1'"  1 
ATOM   368 N  N1     . DT  A 1 12 ? 1.173   -5.149  -8.372  1.00 0.00 ? 12 DT  A N1     1 
ATOM   369 C  C2     . DT  A 1 12 ? 1.400   -3.823  -8.085  1.00 0.00 ? 12 DT  A C2     1 
ATOM   370 O  O2     . DT  A 1 12 ? 2.289   -3.170  -8.605  1.00 0.00 ? 12 DT  A O2     1 
ATOM   371 N  N3     . DT  A 1 12 ? 0.543   -3.286  -7.161  1.00 0.00 ? 12 DT  A N3     1 
ATOM   372 C  C4     . DT  A 1 12 ? -0.486  -3.931  -6.506  1.00 0.00 ? 12 DT  A C4     1 
ATOM   373 O  O4     . DT  A 1 12 ? -1.178  -3.315  -5.700  1.00 0.00 ? 12 DT  A O4     1 
ATOM   374 C  C5     . DT  A 1 12 ? -0.657  -5.322  -6.850  1.00 0.00 ? 12 DT  A C5     1 
ATOM   375 C  C7     . DT  A 1 12 ? -1.701  -6.123  -6.141  1.00 0.00 ? 12 DT  A C7     1 
ATOM   376 C  C6     . DT  A 1 12 ? 0.166   -5.856  -7.761  1.00 0.00 ? 12 DT  A C6     1 
ATOM   377 H  "H5'"  . DT  A 1 12 ? 1.141   -9.148  -11.850 1.00 0.00 ? 12 DT  A "H5'"  1 
ATOM   378 H  "H5''" . DT  A 1 12 ? -0.103  -7.933  -11.490 1.00 0.00 ? 12 DT  A "H5''" 1 
ATOM   379 H  "H4'"  . DT  A 1 12 ? 2.652   -6.929  -11.815 1.00 0.00 ? 12 DT  A "H4'"  1 
ATOM   380 H  "H3'"  . DT  A 1 12 ? 2.094   -8.966  -9.753  1.00 0.00 ? 12 DT  A "H3'"  1 
ATOM   381 H  "H2'"  . DT  A 1 12 ? 2.233   -7.491  -7.969  1.00 0.00 ? 12 DT  A "H2'"  1 
ATOM   382 H  "H2''" . DT  A 1 12 ? 3.750   -6.863  -8.590  1.00 0.00 ? 12 DT  A "H2''" 1 
ATOM   383 H  "H1'"  . DT  A 1 12 ? 2.753   -5.105  -9.740  1.00 0.00 ? 12 DT  A "H1'"  1 
ATOM   384 H  H3     . DT  A 1 12 ? 0.675   -2.311  -6.948  1.00 0.00 ? 12 DT  A H3     1 
ATOM   385 H  H71    . DT  A 1 12 ? -2.322  -5.461  -5.538  1.00 0.00 ? 12 DT  A H71    1 
ATOM   386 H  H72    . DT  A 1 12 ? -2.322  -6.639  -6.872  1.00 0.00 ? 12 DT  A H72    1 
ATOM   387 H  H73    . DT  A 1 12 ? -1.218  -6.855  -5.494  1.00 0.00 ? 12 DT  A H73    1 
ATOM   388 H  H6     . DT  A 1 12 ? 0.028   -6.896  -8.041  1.00 0.00 ? 12 DT  A H6     1 
ATOM   389 P  P      . DA  A 1 13 ? 5.110   -7.329  -10.608 1.00 0.00 ? 13 DA  A P      1 
ATOM   390 O  OP1    . DA  A 1 13 ? 4.477   -6.021  -10.909 1.00 0.00 ? 13 DA  A OP1    1 
ATOM   391 O  OP2    . DA  A 1 13 ? 6.155   -7.863  -11.519 1.00 0.00 ? 13 DA  A OP2    1 
ATOM   392 O  "O5'"  . DA  A 1 13 ? 5.725   -7.249  -9.142  1.00 0.00 ? 13 DA  A "O5'"  1 
ATOM   393 C  "C5'"  . DA  A 1 13 ? 6.198   -6.010  -8.612  1.00 0.00 ? 13 DA  A "C5'"  1 
ATOM   394 C  "C4'"  . DA  A 1 13 ? 6.592   -6.179  -7.161  1.00 0.00 ? 13 DA  A "C4'"  1 
ATOM   395 O  "O4'"  . DA  A 1 13 ? 5.716   -5.360  -6.349  1.00 0.00 ? 13 DA  A "O4'"  1 
ATOM   396 C  "C3'"  . DA  A 1 13 ? 6.462   -7.603  -6.617  1.00 0.00 ? 13 DA  A "C3'"  1 
ATOM   397 O  "O3'"  . DA  A 1 13 ? 7.526   -7.884  -5.702  1.00 0.00 ? 13 DA  A "O3'"  1 
ATOM   398 C  "C2'"  . DA  A 1 13 ? 5.127   -7.582  -5.893  1.00 0.00 ? 13 DA  A "C2'"  1 
ATOM   399 C  "C1'"  . DA  A 1 13 ? 5.070   -6.160  -5.373  1.00 0.00 ? 13 DA  A "C1'"  1 
ATOM   400 N  N9     . DA  A 1 13 ? 3.722   -5.626  -5.181  1.00 0.00 ? 13 DA  A N9     1 
ATOM   401 C  C8     . DA  A 1 13 ? 3.205   -4.464  -5.697  1.00 0.00 ? 13 DA  A C8     1 
ATOM   402 N  N7     . DA  A 1 13 ? 1.967   -4.230  -5.337  1.00 0.00 ? 13 DA  A N7     1 
ATOM   403 C  C5     . DA  A 1 13 ? 1.642   -5.317  -4.537  1.00 0.00 ? 13 DA  A C5     1 
ATOM   404 C  C6     . DA  A 1 13 ? 0.467   -5.665  -3.848  1.00 0.00 ? 13 DA  A C6     1 
ATOM   405 N  N6     . DA  A 1 13 ? -0.641  -4.921  -3.849  1.00 0.00 ? 13 DA  A N6     1 
ATOM   406 N  N1     . DA  A 1 13 ? 0.470   -6.818  -3.146  1.00 0.00 ? 13 DA  A N1     1 
ATOM   407 C  C2     . DA  A 1 13 ? 1.583   -7.563  -3.142  1.00 0.00 ? 13 DA  A C2     1 
ATOM   408 N  N3     . DA  A 1 13 ? 2.749   -7.339  -3.745  1.00 0.00 ? 13 DA  A N3     1 
ATOM   409 C  C4     . DA  A 1 13 ? 2.712   -6.187  -4.436  1.00 0.00 ? 13 DA  A C4     1 
ATOM   410 H  "H5'"  . DA  A 1 13 ? 5.413   -5.258  -8.681  1.00 0.00 ? 13 DA  A "H5'"  1 
ATOM   411 H  "H5''" . DA  A 1 13 ? 7.064   -5.674  -9.182  1.00 0.00 ? 13 DA  A "H5''" 1 
ATOM   412 H  "H4'"  . DA  A 1 13 ? 7.644   -5.903  -7.070  1.00 0.00 ? 13 DA  A "H4'"  1 
ATOM   413 H  "H3'"  . DA  A 1 13 ? 6.477   -8.335  -7.422  1.00 0.00 ? 13 DA  A "H3'"  1 
ATOM   414 H  "H2'"  . DA  A 1 13 ? 4.304   -7.808  -6.571  1.00 0.00 ? 13 DA  A "H2'"  1 
ATOM   415 H  "H2''" . DA  A 1 13 ? 5.100   -8.317  -5.088  1.00 0.00 ? 13 DA  A "H2''" 1 
ATOM   416 H  "H1'"  . DA  A 1 13 ? 5.622   -6.061  -4.436  1.00 0.00 ? 13 DA  A "H1'"  1 
ATOM   417 H  H8     . DA  A 1 13 ? 3.763   -3.808  -6.350  1.00 0.00 ? 13 DA  A H8     1 
ATOM   418 H  H61    . DA  A 1 13 ? -0.668  -4.053  -4.366  1.00 0.00 ? 13 DA  A H61    1 
ATOM   419 H  H62    . DA  A 1 13 ? -1.455  -5.227  -3.334  1.00 0.00 ? 13 DA  A H62    1 
ATOM   420 H  H2     . DA  A 1 13 ? 1.524   -8.485  -2.564  1.00 0.00 ? 13 DA  A H2     1 
HETATM 421 P  P      . BGM A 1 14 ? 9.036   -7.985  -6.242  1.00 0.00 ? 14 BGM A P      1 
HETATM 422 O  OP1    . BGM A 1 14 ? 8.979   -8.567  -7.608  1.00 0.00 ? 14 BGM A OP1    1 
HETATM 423 O  OP2    . BGM A 1 14 ? 9.862   -8.643  -5.200  1.00 0.00 ? 14 BGM A OP2    1 
HETATM 424 O  "O5'"  . BGM A 1 14 ? 9.503   -6.468  -6.369  1.00 0.00 ? 14 BGM A "O5'"  1 
HETATM 425 C  "C5'"  . BGM A 1 14 ? 9.718   -5.668  -5.207  1.00 0.00 ? 14 BGM A "C5'"  1 
HETATM 426 C  "C4'"  . BGM A 1 14 ? 9.993   -4.235  -5.603  1.00 0.00 ? 14 BGM A "C4'"  1 
HETATM 427 O  "O4'"  . BGM A 1 14 ? 8.739   -3.597  -5.952  1.00 0.00 ? 14 BGM A "O4'"  1 
HETATM 428 C  "C1'"  . BGM A 1 14 ? 8.535   -2.457  -5.132  1.00 0.00 ? 14 BGM A "C1'"  1 
HETATM 429 N  N9     . BGM A 1 14 ? 7.105   -2.346  -4.862  1.00 0.00 ? 14 BGM A N9     1 
HETATM 430 C  C8     . BGM A 1 14 ? 6.197   -1.532  -5.498  1.00 0.00 ? 14 BGM A C8     1 
HETATM 431 N  N7     . BGM A 1 14 ? 4.984   -1.655  -5.033  1.00 0.00 ? 14 BGM A N7     1 
HETATM 432 C  C5     . BGM A 1 14 ? 5.096   -2.606  -4.029  1.00 0.00 ? 14 BGM A C5     1 
HETATM 433 C  C4     . BGM A 1 14 ? 6.399   -3.043  -3.910  1.00 0.00 ? 14 BGM A C4     1 
HETATM 434 N  N3     . BGM A 1 14 ? 6.908   -3.955  -3.057  1.00 0.00 ? 14 BGM A N3     1 
HETATM 435 C  C2     . BGM A 1 14 ? 5.982   -4.457  -2.258  1.00 0.00 ? 14 BGM A C2     1 
HETATM 436 N  N2     . BGM A 1 14 ? 6.316   -5.380  -1.345  1.00 0.00 ? 14 BGM A N2     1 
HETATM 437 N  N1     . BGM A 1 14 ? 4.657   -4.091  -2.295  1.00 0.00 ? 14 BGM A N1     1 
HETATM 438 C  C6     . BGM A 1 14 ? 4.111   -3.152  -3.165  1.00 0.00 ? 14 BGM A C6     1 
HETATM 439 O  O6     . BGM A 1 14 ? 2.902   -2.894  -3.114  1.00 0.00 ? 14 BGM A O6     1 
HETATM 440 C  "C2'"  . BGM A 1 14 ? 9.395   -2.675  -3.904  1.00 0.00 ? 14 BGM A "C2'"  1 
HETATM 441 C  "C3'"  . BGM A 1 14 ? 10.606  -3.368  -4.502  1.00 0.00 ? 14 BGM A "C3'"  1 
HETATM 442 O  "O3'"  . BGM A 1 14 ? 11.519  -2.425  -5.076  1.00 0.00 ? 14 BGM A "O3'"  1 
HETATM 443 BR BR     . BGM A 1 14 ? 6.654   -0.338  -6.925  1.00 0.00 ? 14 BGM A BR     1 
HETATM 444 H  "H5'"  . BGM A 1 14 ? 10.570  -6.053  -4.649  1.00 0.00 ? 14 BGM A "H5'"  1 
HETATM 445 H  "H5''" . BGM A 1 14 ? 8.832   -5.698  -4.572  1.00 0.00 ? 14 BGM A "H5''" 1 
HETATM 446 H  "H4'"  . BGM A 1 14 ? 10.710  -4.252  -6.425  1.00 0.00 ? 14 BGM A "H4'"  1 
HETATM 447 H  "H1'"  . BGM A 1 14 ? 8.860   -1.577  -5.689  1.00 0.00 ? 14 BGM A "H1'"  1 
HETATM 448 H  H21    . BGM A 1 14 ? 7.275   -5.689  -1.270  1.00 0.00 ? 14 BGM A H21    1 
HETATM 449 H  H22    . BGM A 1 14 ? 5.612   -5.765  -0.735  1.00 0.00 ? 14 BGM A H22    1 
HETATM 450 H  H1     . BGM A 1 14 ? 4.031   -4.537  -1.639  1.00 0.00 ? 14 BGM A H1     1 
HETATM 451 H  "H2'"  . BGM A 1 14 ? 8.904   -3.307  -3.163  1.00 0.00 ? 14 BGM A "H2'"  1 
HETATM 452 H  "H2''" . BGM A 1 14 ? 9.669   -1.745  -3.407  1.00 0.00 ? 14 BGM A "H2''" 1 
HETATM 453 H  "H3'"  . BGM A 1 14 ? 11.131  -3.977  -3.767  1.00 0.00 ? 14 BGM A "H3'"  1 
HETATM 454 P  P      . BGM A 1 15 ? 11.886  -1.077  -4.280  1.00 0.00 ? 15 BGM A P      1 
HETATM 455 O  OP1    . BGM A 1 15 ? 12.873  -0.330  -5.099  1.00 0.00 ? 15 BGM A OP1    1 
HETATM 456 O  OP2    . BGM A 1 15 ? 12.217  -1.438  -2.879  1.00 0.00 ? 15 BGM A OP2    1 
HETATM 457 O  "O5'"  . BGM A 1 15 ? 10.521  -0.255  -4.277  1.00 0.00 ? 15 BGM A "O5'"  1 
HETATM 458 C  "C5'"  . BGM A 1 15 ? 10.438  1.032   -3.663  1.00 0.00 ? 15 BGM A "C5'"  1 
HETATM 459 C  "C4'"  . BGM A 1 15 ? 9.726   2.001   -4.579  1.00 0.00 ? 15 BGM A "C4'"  1 
HETATM 460 O  "O4'"  . BGM A 1 15 ? 8.334   1.610   -4.682  1.00 0.00 ? 15 BGM A "O4'"  1 
HETATM 461 C  "C1'"  . BGM A 1 15 ? 7.517   2.747   -4.491  1.00 0.00 ? 15 BGM A "C1'"  1 
HETATM 462 N  N9     . BGM A 1 15 ? 6.239   2.302   -3.944  1.00 0.00 ? 15 BGM A N9     1 
HETATM 463 C  C8     . BGM A 1 15 ? 4.989   2.787   -4.249  1.00 0.00 ? 15 BGM A C8     1 
HETATM 464 N  N7     . BGM A 1 15 ? 4.033   2.195   -3.587  1.00 0.00 ? 15 BGM A N7     1 
HETATM 465 C  C5     . BGM A 1 15 ? 4.691   1.259   -2.799  1.00 0.00 ? 15 BGM A C5     1 
HETATM 466 C  C4     . BGM A 1 15 ? 6.052   1.312   -3.009  1.00 0.00 ? 15 BGM A C4     1 
HETATM 467 N  N3     . BGM A 1 15 ? 7.023   0.568   -2.439  1.00 0.00 ? 15 BGM A N3     1 
HETATM 468 C  C2     . BGM A 1 15 ? 6.532   -0.304  -1.575  1.00 0.00 ? 15 BGM A C2     1 
HETATM 469 N  N2     . BGM A 1 15 ? 7.362   -1.128  -0.918  1.00 0.00 ? 15 BGM A N2     1 
HETATM 470 N  N1     . BGM A 1 15 ? 5.194   -0.437  -1.292  1.00 0.00 ? 15 BGM A N1     1 
HETATM 471 C  C6     . BGM A 1 15 ? 4.177   0.320   -1.868  1.00 0.00 ? 15 BGM A C6     1 
HETATM 472 O  O6     . BGM A 1 15 ? 3.000   0.122   -1.541  1.00 0.00 ? 15 BGM A O6     1 
HETATM 473 C  "C2'"  . BGM A 1 15 ? 8.311   3.662   -3.586  1.00 0.00 ? 15 BGM A "C2'"  1 
HETATM 474 C  "C3'"  . BGM A 1 15 ? 9.723   3.456   -4.100  1.00 0.00 ? 15 BGM A "C3'"  1 
HETATM 475 O  "O3'"  . BGM A 1 15 ? 9.993   4.339   -5.193  1.00 0.00 ? 15 BGM A "O3'"  1 
HETATM 476 BR BR     . BGM A 1 15 ? 4.672   4.178   -5.525  1.00 0.00 ? 15 BGM A BR     1 
HETATM 477 H  "H5'"  . BGM A 1 15 ? 11.441  1.406   -3.459  1.00 0.00 ? 15 BGM A "H5'"  1 
HETATM 478 H  "H5''" . BGM A 1 15 ? 9.887   0.955   -2.726  1.00 0.00 ? 15 BGM A "H5''" 1 
HETATM 479 H  "H4'"  . BGM A 1 15 ? 10.246  1.990   -5.537  1.00 0.00 ? 15 BGM A "H4'"  1 
HETATM 480 H  "H1'"  . BGM A 1 15 ? 7.346   3.207   -5.466  1.00 0.00 ? 15 BGM A "H1'"  1 
HETATM 481 H  H21    . BGM A 1 15 ? 8.357   -1.078  -1.086  1.00 0.00 ? 15 BGM A H21    1 
HETATM 482 H  H22    . BGM A 1 15 ? 6.995   -1.797  -0.258  1.00 0.00 ? 15 BGM A H22    1 
HETATM 483 H  H1     . BGM A 1 15 ? 4.926   -1.135  -0.614  1.00 0.00 ? 15 BGM A H1     1 
HETATM 484 H  "H2'"  . BGM A 1 15 ? 8.226   3.380   -2.536  1.00 0.00 ? 15 BGM A "H2'"  1 
HETATM 485 H  "H2''" . BGM A 1 15 ? 8.005   4.706   -3.669  1.00 0.00 ? 15 BGM A "H2''" 1 
HETATM 486 H  "H3'"  . BGM A 1 15 ? 10.468  3.615   -3.320  1.00 0.00 ? 15 BGM A "H3'"  1 
ATOM   487 P  P      . DG  A 1 16 ? 10.008  5.928   -4.948  1.00 0.00 ? 16 DG  A P      1 
ATOM   488 O  OP1    . DG  A 1 16 ? 10.190  6.579   -6.270  1.00 0.00 ? 16 DG  A OP1    1 
ATOM   489 O  OP2    . DG  A 1 16 ? 10.961  6.219   -3.848  1.00 0.00 ? 16 DG  A OP2    1 
ATOM   490 O  "O5'"  . DG  A 1 16 ? 8.535   6.253   -4.433  1.00 0.00 ? 16 DG  A "O5'"  1 
ATOM   491 C  "C5'"  . DG  A 1 16 ? 7.515   6.670   -5.339  1.00 0.00 ? 16 DG  A "C5'"  1 
ATOM   492 C  "C4'"  . DG  A 1 16 ? 6.433   7.419   -4.596  1.00 0.00 ? 16 DG  A "C4'"  1 
ATOM   493 O  "O4'"  . DG  A 1 16 ? 5.594   6.461   -3.907  1.00 0.00 ? 16 DG  A "O4'"  1 
ATOM   494 C  "C3'"  . DG  A 1 16 ? 6.939   8.395   -3.526  1.00 0.00 ? 16 DG  A "C3'"  1 
ATOM   495 O  "O3'"  . DG  A 1 16 ? 6.364   9.690   -3.729  1.00 0.00 ? 16 DG  A "O3'"  1 
ATOM   496 C  "C2'"  . DG  A 1 16 ? 6.453   7.802   -2.213  1.00 0.00 ? 16 DG  A "C2'"  1 
ATOM   497 C  "C1'"  . DG  A 1 16 ? 5.259   6.977   -2.638  1.00 0.00 ? 16 DG  A "C1'"  1 
ATOM   498 N  N9     . DG  A 1 16 ? 4.943   5.853   -1.759  1.00 0.00 ? 16 DG  A N9     1 
ATOM   499 C  C8     . DG  A 1 16 ? 5.819   4.924   -1.255  1.00 0.00 ? 16 DG  A C8     1 
ATOM   500 N  N7     . DG  A 1 16 ? 5.245   4.039   -0.487  1.00 0.00 ? 16 DG  A N7     1 
ATOM   501 C  C5     . DG  A 1 16 ? 3.905   4.405   -0.484  1.00 0.00 ? 16 DG  A C5     1 
ATOM   502 C  C6     . DG  A 1 16 ? 2.792   3.819   0.174   1.00 0.00 ? 16 DG  A C6     1 
ATOM   503 O  O6     . DG  A 1 16 ? 2.768   2.827   0.912   1.00 0.00 ? 16 DG  A O6     1 
ATOM   504 N  N1     . DG  A 1 16 ? 1.615   4.510   -0.098  1.00 0.00 ? 16 DG  A N1     1 
ATOM   505 C  C2     . DG  A 1 16 ? 1.521   5.621   -0.900  1.00 0.00 ? 16 DG  A C2     1 
ATOM   506 N  N2     . DG  A 1 16 ? 0.297   6.147   -1.042  1.00 0.00 ? 16 DG  A N2     1 
ATOM   507 N  N3     . DG  A 1 16 ? 2.550   6.176   -1.519  1.00 0.00 ? 16 DG  A N3     1 
ATOM   508 C  C4     . DG  A 1 16 ? 3.702   5.522   -1.268  1.00 0.00 ? 16 DG  A C4     1 
ATOM   509 H  "H5'"  . DG  A 1 16 ? 7.077   5.798   -5.824  1.00 0.00 ? 16 DG  A "H5'"  1 
ATOM   510 H  "H5''" . DG  A 1 16 ? 7.944   7.324   -6.099  1.00 0.00 ? 16 DG  A "H5''" 1 
ATOM   511 H  "H4'"  . DG  A 1 16 ? 5.887   8.017   -5.329  1.00 0.00 ? 16 DG  A "H4'"  1 
ATOM   512 H  "H3'"  . DG  A 1 16 ? 8.025   8.479   -3.555  1.00 0.00 ? 16 DG  A "H3'"  1 
ATOM   513 H  "H2'"  . DG  A 1 16 ? 7.227   7.197   -1.740  1.00 0.00 ? 16 DG  A "H2'"  1 
ATOM   514 H  "H2''" . DG  A 1 16 ? 6.169   8.581   -1.506  1.00 0.00 ? 16 DG  A "H2''" 1 
ATOM   515 H  "H1'"  . DG  A 1 16 ? 4.368   7.599   -2.748  1.00 0.00 ? 16 DG  A "H1'"  1 
ATOM   516 H  H8     . DG  A 1 16 ? 6.877   4.925   -1.471  1.00 0.00 ? 16 DG  A H8     1 
ATOM   517 H  H1     . DG  A 1 16 ? 0.765   4.170   0.329   1.00 0.00 ? 16 DG  A H1     1 
ATOM   518 H  H21    . DG  A 1 16 ? -0.486  5.727   -0.566  1.00 0.00 ? 16 DG  A H21    1 
ATOM   519 H  H22    . DG  A 1 16 ? 0.160   6.964   -1.621  1.00 0.00 ? 16 DG  A H22    1 
ATOM   520 P  P      . DT  A 1 17 ? 7.214   11.005  -3.361  1.00 0.00 ? 17 DT  A P      1 
ATOM   521 O  OP1    . DT  A 1 17 ? 7.551   11.687  -4.636  1.00 0.00 ? 17 DT  A OP1    1 
ATOM   522 O  OP2    . DT  A 1 17 ? 8.303   10.611  -2.430  1.00 0.00 ? 17 DT  A OP2    1 
ATOM   523 O  "O5'"  . DT  A 1 17 ? 6.184   11.923  -2.565  1.00 0.00 ? 17 DT  A "O5'"  1 
ATOM   524 C  "C5'"  . DT  A 1 17 ? 5.098   12.559  -3.238  1.00 0.00 ? 17 DT  A "C5'"  1 
ATOM   525 C  "C4'"  . DT  A 1 17 ? 3.920   12.704  -2.307  1.00 0.00 ? 17 DT  A "C4'"  1 
ATOM   526 O  "O4'"  . DT  A 1 17 ? 2.753   12.143  -2.958  1.00 0.00 ? 17 DT  A "O4'"  1 
ATOM   527 C  "C3'"  . DT  A 1 17 ? 4.055   11.957  -0.980  1.00 0.00 ? 17 DT  A "C3'"  1 
ATOM   528 O  "O3'"  . DT  A 1 17 ? 3.404   12.680  0.069   1.00 0.00 ? 17 DT  A "O3'"  1 
ATOM   529 C  "C2'"  . DT  A 1 17 ? 3.340   10.648  -1.255  1.00 0.00 ? 17 DT  A "C2'"  1 
ATOM   530 C  "C1'"  . DT  A 1 17 ? 2.215   11.100  -2.164  1.00 0.00 ? 17 DT  A "C1'"  1 
ATOM   531 N  N1     . DT  A 1 17 ? 1.704   10.055  -3.073  1.00 0.00 ? 17 DT  A N1     1 
ATOM   532 C  C2     . DT  A 1 17 ? 0.381   9.689   -2.975  1.00 0.00 ? 17 DT  A C2     1 
ATOM   533 O  O2     . DT  A 1 17 ? -0.391  10.189  -2.173  1.00 0.00 ? 17 DT  A O2     1 
ATOM   534 N  N3     . DT  A 1 17 ? -0.009  8.712   -3.854  1.00 0.00 ? 17 DT  A N3     1 
ATOM   535 C  C4     . DT  A 1 17 ? 0.774   8.078   -4.796  1.00 0.00 ? 17 DT  A C4     1 
ATOM   536 O  O4     . DT  A 1 17 ? 0.284   7.213   -5.517  1.00 0.00 ? 17 DT  A O4     1 
ATOM   537 C  C5     . DT  A 1 17 ? 2.152   8.510   -4.845  1.00 0.00 ? 17 DT  A C5     1 
ATOM   538 C  C7     . DT  A 1 17 ? 3.078   7.871   -5.831  1.00 0.00 ? 17 DT  A C7     1 
ATOM   539 C  C6     . DT  A 1 17 ? 2.547   9.467   -3.993  1.00 0.00 ? 17 DT  A C6     1 
ATOM   540 H  "H5'"  . DT  A 1 17 ? 4.795   11.960  -4.089  1.00 0.00 ? 17 DT  A "H5'"  1 
ATOM   541 H  "H5''" . DT  A 1 17 ? 5.407   13.544  -3.586  1.00 0.00 ? 17 DT  A "H5''" 1 
ATOM   542 H  "H4'"  . DT  A 1 17 ? 3.816   13.760  -2.070  1.00 0.00 ? 17 DT  A "H4'"  1 
ATOM   543 H  "H3'"  . DT  A 1 17 ? 5.102   11.805  -0.718  1.00 0.00 ? 17 DT  A "H3'"  1 
ATOM   544 H  "H2'"  . DT  A 1 17 ? 4.000   9.931   -1.741  1.00 0.00 ? 17 DT  A "H2'"  1 
ATOM   545 H  "H2''" . DT  A 1 17 ? 2.982   10.193  -0.336  1.00 0.00 ? 17 DT  A "H2''" 1 
ATOM   546 H  "H1'"  . DT  A 1 17 ? 1.383   11.505  -1.587  1.00 0.00 ? 17 DT  A "H1'"  1 
ATOM   547 H  H3     . DT  A 1 17 ? -0.977  8.426   -3.809  1.00 0.00 ? 17 DT  A H3     1 
ATOM   548 H  H71    . DT  A 1 17 ? 2.500   7.449   -6.653  1.00 0.00 ? 17 DT  A H71    1 
ATOM   549 H  H72    . DT  A 1 17 ? 3.769   8.620   -6.220  1.00 0.00 ? 17 DT  A H72    1 
ATOM   550 H  H73    . DT  A 1 17 ? 3.642   7.079   -5.340  1.00 0.00 ? 17 DT  A H73    1 
ATOM   551 H  H6     . DT  A 1 17 ? 3.586   9.797   -4.030  1.00 0.00 ? 17 DT  A H6     1 
ATOM   552 P  P      . DT  A 1 18 ? 4.239   13.732  0.950   1.00 0.00 ? 18 DT  A P      1 
ATOM   553 O  OP1    . DT  A 1 18 ? 3.275   14.441  1.830   1.00 0.00 ? 18 DT  A OP1    1 
ATOM   554 O  OP2    . DT  A 1 18 ? 5.112   14.514  0.038   1.00 0.00 ? 18 DT  A OP2    1 
ATOM   555 O  "O5'"  . DT  A 1 18 ? 5.167   12.820  1.868   1.00 0.00 ? 18 DT  A "O5'"  1 
ATOM   556 C  "C5'"  . DT  A 1 18 ? 4.844   11.450  2.110   1.00 0.00 ? 18 DT  A "C5'"  1 
ATOM   557 C  "C4'"  . DT  A 1 18 ? 5.105   11.101  3.557   1.00 0.00 ? 18 DT  A "C4'"  1 
ATOM   558 O  "O4'"  . DT  A 1 18 ? 3.862   11.222  4.293   1.00 0.00 ? 18 DT  A "O4'"  1 
ATOM   559 C  "C3'"  . DT  A 1 18 ? 5.599   9.677   3.811   1.00 0.00 ? 18 DT  A "C3'"  1 
ATOM   560 O  "O3'"  . DT  A 1 18 ? 6.512   9.657   4.915   1.00 0.00 ? 18 DT  A "O3'"  1 
ATOM   561 C  "C2'"  . DT  A 1 18 ? 4.328   8.926   4.158   1.00 0.00 ? 18 DT  A "C2'"  1 
ATOM   562 C  "C1'"  . DT  A 1 18 ? 3.535   9.983   4.902   1.00 0.00 ? 18 DT  A "C1'"  1 
ATOM   563 N  N1     . DT  A 1 18 ? 2.069   9.815   4.833   1.00 0.00 ? 18 DT  A N1     1 
ATOM   564 C  C2     . DT  A 1 18 ? 1.376   9.636   6.010   1.00 0.00 ? 18 DT  A C2     1 
ATOM   565 O  O2     . DT  A 1 18 ? 1.916   9.612   7.103   1.00 0.00 ? 18 DT  A O2     1 
ATOM   566 N  N3     . DT  A 1 18 ? 0.022   9.485   5.858   1.00 0.00 ? 18 DT  A N3     1 
ATOM   567 C  C4     . DT  A 1 18 ? -0.691  9.496   4.678   1.00 0.00 ? 18 DT  A C4     1 
ATOM   568 O  O4     . DT  A 1 18 ? -1.910  9.348   4.698   1.00 0.00 ? 18 DT  A O4     1 
ATOM   569 C  C5     . DT  A 1 18 ? 0.098   9.688   3.482   1.00 0.00 ? 18 DT  A C5     1 
ATOM   570 C  C7     . DT  A 1 18 ? -0.593  9.714   2.156   1.00 0.00 ? 18 DT  A C7     1 
ATOM   571 C  C6     . DT  A 1 18 ? 1.425   9.836   3.614   1.00 0.00 ? 18 DT  A C6     1 
ATOM   572 H  "H5'"  . DT  A 1 18 ? 5.455   10.812  1.471   1.00 0.00 ? 18 DT  A "H5'"  1 
ATOM   573 H  "H5''" . DT  A 1 18 ? 3.791   11.277  1.884   1.00 0.00 ? 18 DT  A "H5''" 1 
ATOM   574 H  "H4'"  . DT  A 1 18 ? 5.884   11.773  3.921   1.00 0.00 ? 18 DT  A "H4'"  1 
ATOM   575 H  "H3'"  . DT  A 1 18 ? 6.090   9.264   2.930   1.00 0.00 ? 18 DT  A "H3'"  1 
ATOM   576 H  "H2'"  . DT  A 1 18 ? 3.814   8.579   3.261   1.00 0.00 ? 18 DT  A "H2'"  1 
ATOM   577 H  "H2''" . DT  A 1 18 ? 4.539   8.052   4.775   1.00 0.00 ? 18 DT  A "H2''" 1 
ATOM   578 H  "H1'"  . DT  A 1 18 ? 3.834   10.031  5.951   1.00 0.00 ? 18 DT  A "H1'"  1 
ATOM   579 H  H3     . DT  A 1 18 ? -0.514  9.351   6.705   1.00 0.00 ? 18 DT  A H3     1 
ATOM   580 H  H71    . DT  A 1 18 ? -0.063  10.389  1.482   1.00 0.00 ? 18 DT  A H71    1 
ATOM   581 H  H72    . DT  A 1 18 ? -0.602  8.711   1.730   1.00 0.00 ? 18 DT  A H72    1 
ATOM   582 H  H73    . DT  A 1 18 ? -1.618  10.062  2.285   1.00 0.00 ? 18 DT  A H73    1 
ATOM   583 H  H6     . DT  A 1 18 ? 2.022   9.981   2.713   1.00 0.00 ? 18 DT  A H6     1 
ATOM   584 P  P      . DA  A 1 19 ? 8.091   9.537   4.643   1.00 0.00 ? 19 DA  A P      1 
ATOM   585 O  OP1    . DA  A 1 19 ? 8.788   10.222  5.760   1.00 0.00 ? 19 DA  A OP1    1 
ATOM   586 O  OP2    . DA  A 1 19 ? 8.359   9.956   3.243   1.00 0.00 ? 19 DA  A OP2    1 
ATOM   587 O  "O5'"  . DA  A 1 19 ? 8.384   7.976   4.761   1.00 0.00 ? 19 DA  A "O5'"  1 
ATOM   588 C  "C5'"  . DA  A 1 19 ? 8.362   7.319   6.028   1.00 0.00 ? 19 DA  A "C5'"  1 
ATOM   589 C  "C4'"  . DA  A 1 19 ? 8.148   5.836   5.840   1.00 0.00 ? 19 DA  A "C4'"  1 
ATOM   590 O  "O4'"  . DA  A 1 19 ? 6.745   5.597   5.566   1.00 0.00 ? 19 DA  A "O4'"  1 
ATOM   591 C  "C3'"  . DA  A 1 19 ? 8.909   5.220   4.666   1.00 0.00 ? 19 DA  A "C3'"  1 
ATOM   592 O  "O3'"  . DA  A 1 19 ? 9.303   3.880   4.974   1.00 0.00 ? 19 DA  A "O3'"  1 
ATOM   593 C  "C2'"  . DA  A 1 19 ? 7.885   5.236   3.548   1.00 0.00 ? 19 DA  A "C2'"  1 
ATOM   594 C  "C1'"  . DA  A 1 19 ? 6.600   4.960   4.307   1.00 0.00 ? 19 DA  A "C1'"  1 
ATOM   595 N  N9     . DA  A 1 19 ? 5.379   5.472   3.681   1.00 0.00 ? 19 DA  A N9     1 
ATOM   596 C  C8     . DA  A 1 19 ? 5.258   6.303   2.593   1.00 0.00 ? 19 DA  A C8     1 
ATOM   597 N  N7     . DA  A 1 19 ? 4.016   6.577   2.273   1.00 0.00 ? 19 DA  A N7     1 
ATOM   598 C  C5     . DA  A 1 19 ? 3.269   5.881   3.213   1.00 0.00 ? 19 DA  A C5     1 
ATOM   599 C  C6     . DA  A 1 19 ? 1.884   5.759   3.416   1.00 0.00 ? 19 DA  A C6     1 
ATOM   600 N  N6     . DA  A 1 19 ? 0.967   6.358   2.653   1.00 0.00 ? 19 DA  A N6     1 
ATOM   601 N  N1     . DA  A 1 19 ? 1.466   4.988   4.444   1.00 0.00 ? 19 DA  A N1     1 
ATOM   602 C  C2     . DA  A 1 19 ? 2.385   4.385   5.208   1.00 0.00 ? 19 DA  A C2     1 
ATOM   603 N  N3     . DA  A 1 19 ? 3.713   4.423   5.116   1.00 0.00 ? 19 DA  A N3     1 
ATOM   604 C  C4     . DA  A 1 19 ? 4.095   5.197   4.086   1.00 0.00 ? 19 DA  A C4     1 
ATOM   605 H  "H5'"  . DA  A 1 19 ? 7.553   7.723   6.636   1.00 0.00 ? 19 DA  A "H5'"  1 
ATOM   606 H  "H5''" . DA  A 1 19 ? 9.310   7.482   6.541   1.00 0.00 ? 19 DA  A "H5''" 1 
ATOM   607 H  "H4'"  . DA  A 1 19 ? 8.502   5.334   6.742   1.00 0.00 ? 19 DA  A "H4'"  1 
ATOM   608 H  "H3'"  . DA  A 1 19 ? 9.793   5.807   4.418   1.00 0.00 ? 19 DA  A "H3'"  1 
ATOM   609 H  "H2'"  . DA  A 1 19 ? 7.868   6.201   3.043   1.00 0.00 ? 19 DA  A "H2'"  1 
ATOM   610 H  "H2''" . DA  A 1 19 ? 8.104   4.477   2.798   1.00 0.00 ? 19 DA  A "H2''" 1 
ATOM   611 H  "H1'"  . DA  A 1 19 ? 6.475   3.890   4.485   1.00 0.00 ? 19 DA  A "H1'"  1 
ATOM   612 H  H8     . DA  A 1 19 ? 6.104   6.696   2.050   1.00 0.00 ? 19 DA  A H8     1 
ATOM   613 H  H61    . DA  A 1 19 ? 1.256   6.938   1.879   1.00 0.00 ? 19 DA  A H61    1 
ATOM   614 H  H62    . DA  A 1 19 ? -0.015  6.233   2.850   1.00 0.00 ? 19 DA  A H62    1 
ATOM   615 H  H2     . DA  A 1 19 ? 1.990   3.776   6.022   1.00 0.00 ? 19 DA  A H2     1 
HETATM 616 P  P      . BGM A 1 20 ? 10.617  3.258   4.288   1.00 0.00 ? 20 BGM A P      1 
HETATM 617 O  OP1    . BGM A 1 20 ? 11.794  3.779   5.029   1.00 0.00 ? 20 BGM A OP1    1 
HETATM 618 O  OP2    . BGM A 1 20 ? 10.521  3.466   2.822   1.00 0.00 ? 20 BGM A OP2    1 
HETATM 619 O  "O5'"  . BGM A 1 20 ? 10.499  1.696   4.578   1.00 0.00 ? 20 BGM A "O5'"  1 
HETATM 620 C  "C5'"  . BGM A 1 20 ? 10.354  0.761   3.508   1.00 0.00 ? 20 BGM A "C5'"  1 
HETATM 621 C  "C4'"  . BGM A 1 20 ? 10.363  -0.651  4.046   1.00 0.00 ? 20 BGM A "C4'"  1 
HETATM 622 O  "O4'"  . BGM A 1 20 ? 9.190   -0.837  4.873   1.00 0.00 ? 20 BGM A "O4'"  1 
HETATM 623 C  "C1'"  . BGM A 1 20 ? 8.295   -1.772  4.291   1.00 0.00 ? 20 BGM A "C1'"  1 
HETATM 624 N  N9     . BGM A 1 20 ? 6.970   -1.161  4.264   1.00 0.00 ? 20 BGM A N9     1 
HETATM 625 C  C8     . BGM A 1 20 ? 5.881   -1.487  5.040   1.00 0.00 ? 20 BGM A C8     1 
HETATM 626 N  N7     . BGM A 1 20 ? 4.829   -0.761  4.777   1.00 0.00 ? 20 BGM A N7     1 
HETATM 627 C  C5     . BGM A 1 20 ? 5.246   0.097   3.770   1.00 0.00 ? 20 BGM A C5     1 
HETATM 628 C  C4     . BGM A 1 20 ? 6.565   -0.135  3.443   1.00 0.00 ? 20 BGM A C4     1 
HETATM 629 N  N3     . BGM A 1 20 ? 7.328   0.489   2.520   1.00 0.00 ? 20 BGM A N3     1 
HETATM 630 C  C2     . BGM A 1 20 ? 6.657   1.436   1.884   1.00 0.00 ? 20 BGM A C2     1 
HETATM 631 N  N2     . BGM A 1 20 ? 7.266   2.160   0.933   1.00 0.00 ? 20 BGM A N2     1 
HETATM 632 N  N1     . BGM A 1 20 ? 5.343   1.745   2.132   1.00 0.00 ? 20 BGM A N1     1 
HETATM 633 C  C6     . BGM A 1 20 ? 4.540   1.116   3.077   1.00 0.00 ? 20 BGM A C6     1 
HETATM 634 O  O6     . BGM A 1 20 ? 3.364   1.473   3.222   1.00 0.00 ? 20 BGM A O6     1 
HETATM 635 C  "C2'"  . BGM A 1 20 ? 8.841   -2.120  2.914   1.00 0.00 ? 20 BGM A "C2'"  1 
HETATM 636 C  "C3'"  . BGM A 1 20 ? 10.310  -1.744  2.979   1.00 0.00 ? 20 BGM A "C3'"  1 
HETATM 637 O  "O3'"  . BGM A 1 20 ? 11.114  -2.866  3.362   1.00 0.00 ? 20 BGM A "O3'"  1 
HETATM 638 BR BR     . BGM A 1 20 ? 5.899   -2.852  6.384   1.00 0.00 ? 20 BGM A BR     1 
HETATM 639 H  "H5'"  . BGM A 1 20 ? 11.177  0.880   2.804   1.00 0.00 ? 20 BGM A "H5'"  1 
HETATM 640 H  "H5''" . BGM A 1 20 ? 9.412   0.941   2.991   1.00 0.00 ? 20 BGM A "H5''" 1 
HETATM 641 H  "H4'"  . BGM A 1 20 ? 11.299  -0.790  4.590   1.00 0.00 ? 20 BGM A "H4'"  1 
HETATM 642 H  "H1'"  . BGM A 1 20 ? 8.261   -2.653  4.932   1.00 0.00 ? 20 BGM A "H1'"  1 
HETATM 643 H  H21    . BGM A 1 20 ? 8.233   1.982   0.705   1.00 0.00 ? 20 BGM A H21    1 
HETATM 644 H  H22    . BGM A 1 20 ? 6.758   2.884   0.446   1.00 0.00 ? 20 BGM A H22    1 
HETATM 645 H  H1     . BGM A 1 20 ? 4.926   2.486   1.586   1.00 0.00 ? 20 BGM A H1     1 
HETATM 646 H  "H2'"  . BGM A 1 20 ? 8.327   -1.582  2.118   1.00 0.00 ? 20 BGM A "H2'"  1 
HETATM 647 H  "H2''" . BGM A 1 20 ? 8.714   -3.186  2.726   1.00 0.00 ? 20 BGM A "H2''" 1 
HETATM 648 H  "H3'"  . BGM A 1 20 ? 10.668  -1.365  2.021   1.00 0.00 ? 20 BGM A "H3'"  1 
ATOM   649 P  P      . DG  A 1 21 ? 10.785  -3.671  4.714   1.00 0.00 ? 21 DG  A P      1 
ATOM   650 O  OP1    . DG  A 1 21 ? 10.382  -2.686  5.749   1.00 0.00 ? 21 DG  A OP1    1 
ATOM   651 O  OP2    . DG  A 1 21 ? 11.922  -4.588  4.982   1.00 0.00 ? 21 DG  A OP2    1 
ATOM   652 O  "O5'"  . DG  A 1 21 ? 9.517   -4.562  4.342   1.00 0.00 ? 21 DG  A "O5'"  1 
ATOM   653 C  "C5'"  . DG  A 1 21 ? 9.283   -5.805  5.005   1.00 0.00 ? 21 DG  A "C5'"  1 
ATOM   654 C  "C4'"  . DG  A 1 21 ? 8.097   -6.516  4.396   1.00 0.00 ? 21 DG  A "C4'"  1 
ATOM   655 O  "O4'"  . DG  A 1 21 ? 7.097   -5.540  4.012   1.00 0.00 ? 21 DG  A "O4'"  1 
ATOM   656 C  "C3'"  . DG  A 1 21 ? 8.393   -7.330  3.129   1.00 0.00 ? 21 DG  A "C3'"  1 
ATOM   657 O  "O3'"  . DG  A 1 21 ? 7.758   -8.609  3.213   1.00 0.00 ? 21 DG  A "O3'"  1 
ATOM   658 C  "C2'"  . DG  A 1 21 ? 7.775   -6.503  2.017   1.00 0.00 ? 21 DG  A "C2'"  1 
ATOM   659 C  "C1'"  . DG  A 1 21 ? 6.598   -5.892  2.739   1.00 0.00 ? 21 DG  A "C1'"  1 
ATOM   660 N  N9     . DG  A 1 21 ? 6.027   -4.699  2.121   1.00 0.00 ? 21 DG  A N9     1 
ATOM   661 C  C8     . DG  A 1 21 ? 6.639   -3.846  1.238   1.00 0.00 ? 21 DG  A C8     1 
ATOM   662 N  N7     . DG  A 1 21 ? 5.867   -2.868  0.848   1.00 0.00 ? 21 DG  A N7     1 
ATOM   663 C  C5     . DG  A 1 21 ? 4.670   -3.093  1.516   1.00 0.00 ? 21 DG  A C5     1 
ATOM   664 C  C6     . DG  A 1 21 ? 3.454   -2.363  1.490   1.00 0.00 ? 21 DG  A C6     1 
ATOM   665 O  O6     . DG  A 1 21 ? 3.182   -1.341  0.851   1.00 0.00 ? 21 DG  A O6     1 
ATOM   666 N  N1     . DG  A 1 21 ? 2.496   -2.939  2.317   1.00 0.00 ? 21 DG  A N1     1 
ATOM   667 C  C2     . DG  A 1 21 ? 2.683   -4.073  3.071   1.00 0.00 ? 21 DG  A C2     1 
ATOM   668 N  N2     . DG  A 1 21 ? 1.636   -4.474  3.806   1.00 0.00 ? 21 DG  A N2     1 
ATOM   669 N  N3     . DG  A 1 21 ? 3.811   -4.761  3.104   1.00 0.00 ? 21 DG  A N3     1 
ATOM   670 C  C4     . DG  A 1 21 ? 4.755   -4.217  2.307   1.00 0.00 ? 21 DG  A C4     1 
ATOM   671 H  "H5'"  . DG  A 1 21 ? 9.084   -5.622  6.061   1.00 0.00 ? 21 DG  A "H5'"  1 
ATOM   672 H  "H5''" . DG  A 1 21 ? 10.165  -6.438  4.914   1.00 0.00 ? 21 DG  A "H5''" 1 
ATOM   673 H  "H4'"  . DG  A 1 21 ? 7.731   -7.228  5.137   1.00 0.00 ? 21 DG  A "H4'"  1 
ATOM   674 H  "H3'"  . DG  A 1 21 ? 9.462   -7.469  2.986   1.00 0.00 ? 21 DG  A "H3'"  1 
ATOM   675 H  "H2'"  . DG  A 1 21 ? 8.475   -5.750  1.655   1.00 0.00 ? 21 DG  A "H2'"  1 
ATOM   676 H  "H2''" . DG  A 1 21 ? 7.499   -7.123  1.166   1.00 0.00 ? 21 DG  A "H2''" 1 
ATOM   677 H  "H1'"  . DG  A 1 21 ? 5.803   -6.626  2.884   1.00 0.00 ? 21 DG  A "H1'"  1 
ATOM   678 H  H8     . DG  A 1 21 ? 7.654   -3.974  0.895   1.00 0.00 ? 21 DG  A H8     1 
ATOM   679 H  H1     . DG  A 1 21 ? 1.593   -2.491  2.367   1.00 0.00 ? 21 DG  A H1     1 
ATOM   680 H  H21    . DG  A 1 21 ? 0.778   -3.946  3.788   1.00 0.00 ? 21 DG  A H21    1 
ATOM   681 H  H22    . DG  A 1 21 ? 1.708   -5.302  4.382   1.00 0.00 ? 21 DG  A H22    1 
ATOM   682 P  P      . DG  A 1 22 ? 8.255   -9.812  2.269   1.00 0.00 ? 22 DG  A P      1 
ATOM   683 O  OP1    . DG  A 1 22 ? 9.538   -10.311 2.825   1.00 0.00 ? 22 DG  A OP1    1 
ATOM   684 O  OP2    . DG  A 1 22 ? 8.193   -9.361  0.856   1.00 0.00 ? 22 DG  A OP2    1 
ATOM   685 O  "O5'"  . DG  A 1 22 ? 7.151   -10.942 2.483   1.00 0.00 ? 22 DG  A "O5'"  1 
ATOM   686 C  "C5'"  . DG  A 1 22 ? 6.255   -10.888 3.592   1.00 0.00 ? 22 DG  A "C5'"  1 
ATOM   687 C  "C4'"  . DG  A 1 22 ? 4.826   -10.906 3.111   1.00 0.00 ? 22 DG  A "C4'"  1 
ATOM   688 O  "O4'"  . DG  A 1 22 ? 4.384   -9.548  2.914   1.00 0.00 ? 22 DG  A "O4'"  1 
ATOM   689 C  "C3'"  . DG  A 1 22 ? 4.630   -11.607 1.767   1.00 0.00 ? 22 DG  A "C3'"  1 
ATOM   690 O  "O3'"  . DG  A 1 22 ? 4.021   -12.884 1.954   1.00 0.00 ? 22 DG  A "O3'"  1 
ATOM   691 C  "C2'"  . DG  A 1 22 ? 3.706   -10.686 0.981   1.00 0.00 ? 22 DG  A "C2'"  1 
ATOM   692 C  "C1'"  . DG  A 1 22 ? 3.369   -9.553  1.936   1.00 0.00 ? 22 DG  A "C1'"  1 
ATOM   693 N  N9     . DG  A 1 22 ? 3.347   -8.239  1.302   1.00 0.00 ? 22 DG  A N9     1 
ATOM   694 C  C8     . DG  A 1 22 ? 4.427   -7.516  0.862   1.00 0.00 ? 22 DG  A C8     1 
ATOM   695 N  N7     . DG  A 1 22 ? 4.097   -6.379  0.313   1.00 0.00 ? 22 DG  A N7     1 
ATOM   696 C  C5     . DG  A 1 22 ? 2.712   -6.348  0.403   1.00 0.00 ? 22 DG  A C5     1 
ATOM   697 C  C6     . DG  A 1 22 ? 1.785   -5.363  -0.026  1.00 0.00 ? 22 DG  A C6     1 
ATOM   698 O  O6     . DG  A 1 22 ? 2.012   -4.287  -0.593  1.00 0.00 ? 22 DG  A O6     1 
ATOM   699 N  N1     . DG  A 1 22 ? 0.476   -5.731  0.264   1.00 0.00 ? 22 DG  A N1     1 
ATOM   700 C  C2     . DG  A 1 22 ? 0.104   -6.899  0.884   1.00 0.00 ? 22 DG  A C2     1 
ATOM   701 N  N2     . DG  A 1 22 ? -1.211  -7.073  1.080   1.00 0.00 ? 22 DG  A N2     1 
ATOM   702 N  N3     . DG  A 1 22 ? 0.956   -7.826  1.287   1.00 0.00 ? 22 DG  A N3     1 
ATOM   703 C  C4     . DG  A 1 22 ? 2.234   -7.487  1.015   1.00 0.00 ? 22 DG  A C4     1 
ATOM   704 H  "H5'"  . DG  A 1 22 ? 6.421   -9.975  4.147   1.00 0.00 ? 22 DG  A "H5'"  1 
ATOM   705 H  "H5''" . DG  A 1 22 ? 6.425   -11.741 4.247   1.00 0.00 ? 22 DG  A "H5''" 1 
ATOM   706 H  "H4'"  . DG  A 1 22 ? 4.236   -11.452 3.846   1.00 0.00 ? 22 DG  A "H4'"  1 
ATOM   707 H  "H3'"  . DG  A 1 22 ? 5.586   -11.739 1.266   1.00 0.00 ? 22 DG  A "H3'"  1 
ATOM   708 H  "HO3'" . DG  A 1 22 ? 3.320   -12.775 2.600   1.00 0.00 ? 22 DG  A "HO3'" 1 
ATOM   709 H  "H2'"  . DG  A 1 22 ? 4.186   -10.328 0.072   1.00 0.00 ? 22 DG  A "H2'"  1 
ATOM   710 H  "H2''" . DG  A 1 22 ? 2.790   -11.201 0.686   1.00 0.00 ? 22 DG  A "H2''" 1 
ATOM   711 H  "H1'"  . DG  A 1 22 ? 2.414   -9.720  2.434   1.00 0.00 ? 22 DG  A "H1'"  1 
ATOM   712 H  H8     . DG  A 1 22 ? 5.450   -7.854  0.961   1.00 0.00 ? 22 DG  A H8     1 
ATOM   713 H  H1     . DG  A 1 22 ? -0.260  -5.093  -0.003  1.00 0.00 ? 22 DG  A H1     1 
ATOM   714 H  H21    . DG  A 1 22 ? -1.863  -6.367  0.771   1.00 0.00 ? 22 DG  A H21    1 
ATOM   715 H  H22    . DG  A 1 22 ? -1.548  -7.910  1.534   1.00 0.00 ? 22 DG  A H22    1 
# 
